data_5GWG
#
_entry.id   5GWG
#
_entity_poly.entity_id   1
_entity_poly.type   'polypeptide(L)'
_entity_poly.pdbx_seq_one_letter_code
;LRVRRTLQCSCRRVCRNTCSCIRLSRSTYAS
;
_entity_poly.pdbx_strand_id   A,B
#
# COMPACT_ATOMS: atom_id res chain seq x y z
N LEU A 1 -1.19 -7.51 -10.50
CA LEU A 1 -0.58 -6.40 -11.21
C LEU A 1 -0.77 -5.10 -10.43
N ARG A 2 -1.66 -5.14 -9.45
CA ARG A 2 -1.94 -3.97 -8.63
C ARG A 2 -2.37 -4.38 -7.24
N VAL A 3 -2.25 -3.46 -6.29
CA VAL A 3 -2.63 -3.75 -4.91
C VAL A 3 -3.58 -2.66 -4.40
N ARG A 4 -4.71 -3.07 -3.84
CA ARG A 4 -5.70 -2.13 -3.30
C ARG A 4 -6.76 -2.88 -2.53
N ARG A 5 -7.25 -2.27 -1.45
CA ARG A 5 -8.29 -2.87 -0.62
C ARG A 5 -8.48 -2.09 0.68
N THR A 6 -9.17 -2.70 1.65
CA THR A 6 -9.42 -2.06 2.93
C THR A 6 -9.35 -3.07 4.06
N LEU A 7 -8.15 -3.49 4.40
CA LEU A 7 -7.96 -4.48 5.47
C LEU A 7 -6.62 -4.32 6.18
N GLN A 8 -5.65 -5.11 5.75
CA GLN A 8 -4.33 -5.09 6.31
C GLN A 8 -3.38 -4.59 5.25
N CYS A 9 -2.68 -3.53 5.59
CA CYS A 9 -1.77 -2.90 4.66
C CYS A 9 -0.33 -2.97 5.15
N SER A 10 0.49 -3.65 4.37
CA SER A 10 1.91 -3.80 4.70
C SER A 10 2.74 -3.31 3.53
N CYS A 11 3.89 -2.71 3.83
CA CYS A 11 4.76 -2.19 2.78
C CYS A 11 6.19 -2.68 2.97
N ARG A 12 6.93 -2.77 1.87
CA ARG A 12 8.33 -3.24 1.95
C ARG A 12 9.24 -2.43 1.05
N ARG A 13 10.44 -2.16 1.54
CA ARG A 13 11.41 -1.38 0.77
C ARG A 13 11.63 -1.99 -0.60
N VAL A 14 11.75 -1.10 -1.56
CA VAL A 14 11.95 -1.48 -2.96
C VAL A 14 12.03 -0.24 -3.86
N CYS A 15 13.11 0.52 -3.74
CA CYS A 15 13.29 1.75 -4.53
C CYS A 15 12.28 2.80 -4.12
N ARG A 16 11.28 2.39 -3.35
CA ARG A 16 10.22 3.30 -2.92
C ARG A 16 9.15 2.58 -2.15
N ASN A 17 9.54 1.56 -1.46
CA ASN A 17 8.58 0.78 -0.71
C ASN A 17 7.61 0.09 -1.67
N THR A 18 7.06 -1.02 -1.21
CA THR A 18 6.12 -1.80 -2.00
C THR A 18 4.78 -1.74 -1.31
N CYS A 19 3.72 -1.98 -2.07
CA CYS A 19 2.37 -1.92 -1.53
C CYS A 19 1.69 -3.28 -1.58
N SER A 20 1.39 -3.81 -0.40
CA SER A 20 0.72 -5.10 -0.31
C SER A 20 -0.44 -5.02 0.67
N CYS A 21 -1.67 -5.29 0.19
CA CYS A 21 -2.83 -5.27 1.07
C CYS A 21 -3.44 -6.67 1.07
N ILE A 22 -3.50 -7.30 2.24
CA ILE A 22 -4.03 -8.66 2.33
C ILE A 22 -4.50 -8.97 3.76
N ARG A 23 -5.41 -9.91 3.87
CA ARG A 23 -5.93 -10.30 5.18
C ARG A 23 -4.85 -10.99 6.01
N LEU A 24 -4.05 -11.78 5.34
CA LEU A 24 -2.97 -12.52 5.99
C LEU A 24 -1.60 -12.00 5.57
N SER A 25 -0.70 -11.85 6.54
CA SER A 25 0.64 -11.35 6.25
C SER A 25 1.47 -12.39 5.52
N ARG A 26 0.85 -13.06 4.56
CA ARG A 26 1.54 -14.08 3.77
C ARG A 26 2.45 -13.43 2.74
N SER A 27 3.38 -14.20 2.20
CA SER A 27 4.32 -13.67 1.20
C SER A 27 3.58 -13.37 -0.10
N THR A 28 3.22 -12.10 -0.29
CA THR A 28 2.53 -11.69 -1.50
C THR A 28 3.41 -11.88 -2.72
N TYR A 29 4.67 -11.48 -2.61
CA TYR A 29 5.62 -11.61 -3.71
C TYR A 29 7.03 -11.82 -3.19
N ALA A 30 7.89 -12.37 -4.04
CA ALA A 30 9.28 -12.62 -3.66
C ALA A 30 10.21 -11.58 -4.27
N SER A 31 9.75 -10.90 -5.31
CA SER A 31 10.55 -9.89 -5.98
C SER A 31 10.37 -8.53 -5.31
N LEU B 1 -3.61 8.87 8.90
CA LEU B 1 -2.38 9.63 8.79
C LEU B 1 -1.25 8.74 8.30
N ARG B 2 -0.51 9.22 7.31
CA ARG B 2 0.62 8.46 6.76
C ARG B 2 0.17 7.05 6.38
N VAL B 3 1.14 6.16 6.18
CA VAL B 3 0.85 4.78 5.82
C VAL B 3 0.52 3.97 7.07
N ARG B 4 -0.74 3.56 7.18
CA ARG B 4 -1.20 2.77 8.31
C ARG B 4 -2.06 1.60 7.85
N ARG B 5 -2.42 0.73 8.79
CA ARG B 5 -3.23 -0.44 8.48
C ARG B 5 -4.52 -0.43 9.26
N THR B 6 -5.50 -1.20 8.76
CA THR B 6 -6.80 -1.33 9.38
C THR B 6 -7.73 -0.24 8.91
N LEU B 7 -7.38 0.33 7.79
CA LEU B 7 -8.15 1.42 7.21
C LEU B 7 -8.33 1.28 5.70
N GLN B 8 -7.66 2.14 4.92
CA GLN B 8 -7.75 2.10 3.48
C GLN B 8 -6.37 1.87 2.91
N CYS B 9 -6.30 1.00 1.92
CA CYS B 9 -5.02 0.65 1.32
C CYS B 9 -4.98 1.03 -0.15
N SER B 10 -4.07 1.93 -0.48
CA SER B 10 -3.93 2.39 -1.85
C SER B 10 -2.46 2.37 -2.26
N CYS B 11 -2.20 2.25 -3.57
CA CYS B 11 -0.83 2.21 -4.06
C CYS B 11 -0.71 3.03 -5.34
N ARG B 12 0.52 3.42 -5.70
CA ARG B 12 0.73 4.21 -6.93
C ARG B 12 2.12 3.98 -7.52
N ARG B 13 2.24 4.09 -8.84
CA ARG B 13 3.52 3.89 -9.52
C ARG B 13 4.53 4.93 -9.08
N VAL B 14 5.78 4.49 -9.01
CA VAL B 14 6.89 5.35 -8.61
C VAL B 14 8.23 4.61 -8.70
N CYS B 15 8.47 3.95 -9.82
CA CYS B 15 9.71 3.17 -10.04
C CYS B 15 9.51 1.76 -9.58
N ARG B 16 8.45 1.55 -8.82
CA ARG B 16 8.14 0.24 -8.28
C ARG B 16 6.94 0.27 -7.34
N ASN B 17 5.96 1.03 -7.71
CA ASN B 17 4.77 1.13 -6.89
C ASN B 17 5.12 1.67 -5.51
N THR B 18 4.22 2.47 -5.00
CA THR B 18 4.35 3.05 -3.67
C THR B 18 3.24 2.54 -2.80
N CYS B 19 3.47 2.65 -1.50
CA CYS B 19 2.51 2.18 -0.52
C CYS B 19 1.90 3.35 0.23
N SER B 20 0.61 3.56 -0.01
CA SER B 20 -0.10 4.63 0.65
C SER B 20 -1.40 4.09 1.23
N CYS B 21 -1.46 4.00 2.54
CA CYS B 21 -2.65 3.53 3.22
C CYS B 21 -3.11 4.62 4.18
N ILE B 22 -4.37 5.00 4.07
CA ILE B 22 -4.90 6.08 4.91
C ILE B 22 -6.42 5.95 5.12
N ARG B 23 -6.98 6.81 5.96
CA ARG B 23 -8.41 6.78 6.23
C ARG B 23 -9.12 7.77 5.34
N LEU B 24 -8.44 8.12 4.25
CA LEU B 24 -8.99 9.08 3.28
C LEU B 24 -9.29 10.42 3.95
N SER B 25 -10.12 11.21 3.30
CA SER B 25 -10.48 12.52 3.80
C SER B 25 -9.31 13.48 3.61
N ARG B 26 -8.23 12.97 3.03
CA ARG B 26 -7.05 13.78 2.79
C ARG B 26 -6.49 13.55 1.39
N SER B 27 -5.75 14.54 0.89
CA SER B 27 -5.17 14.43 -0.43
C SER B 27 -3.83 13.71 -0.36
N THR B 28 -3.80 12.49 -0.89
CA THR B 28 -2.58 11.68 -0.90
C THR B 28 -2.25 11.25 -2.32
N TYR B 29 -1.30 11.95 -2.93
CA TYR B 29 -0.89 11.65 -4.31
C TYR B 29 -2.05 11.80 -5.27
N ALA B 30 -3.02 10.90 -5.17
CA ALA B 30 -4.19 10.94 -6.03
C ALA B 30 -3.80 10.82 -7.50
N SER B 31 -3.49 9.60 -7.92
CA SER B 31 -3.12 9.36 -9.31
C SER B 31 -4.29 8.83 -10.11
N LEU A 1 -6.33 -3.49 -10.48
CA LEU A 1 -6.35 -2.14 -9.94
C LEU A 1 -5.40 -2.02 -8.75
N ARG A 2 -5.98 -1.75 -7.57
CA ARG A 2 -5.18 -1.62 -6.36
C ARG A 2 -4.58 -2.96 -5.95
N VAL A 3 -3.51 -2.90 -5.18
CA VAL A 3 -2.84 -4.13 -4.73
C VAL A 3 -3.83 -5.02 -3.98
N ARG A 4 -4.87 -4.40 -3.43
CA ARG A 4 -5.91 -5.13 -2.68
C ARG A 4 -6.93 -4.16 -2.07
N ARG A 5 -7.72 -4.66 -1.12
CA ARG A 5 -8.74 -3.84 -0.46
C ARG A 5 -8.29 -3.32 0.90
N THR A 6 -8.95 -3.75 1.96
CA THR A 6 -8.63 -3.30 3.31
C THR A 6 -7.82 -4.34 4.07
N LEU A 7 -8.44 -5.49 4.30
CA LEU A 7 -7.82 -6.62 4.98
C LEU A 7 -6.59 -6.24 5.80
N GLN A 8 -5.40 -6.39 5.22
CA GLN A 8 -4.17 -6.05 5.91
C GLN A 8 -3.27 -5.30 4.97
N CYS A 9 -2.67 -4.24 5.51
CA CYS A 9 -1.81 -3.40 4.71
C CYS A 9 -0.40 -3.31 5.27
N SER A 10 0.54 -3.71 4.42
CA SER A 10 1.95 -3.68 4.78
C SER A 10 2.77 -3.13 3.63
N CYS A 11 3.85 -2.41 3.95
CA CYS A 11 4.71 -1.83 2.92
C CYS A 11 6.17 -2.12 3.26
N ARG A 12 7.06 -2.03 2.27
CA ARG A 12 8.49 -2.29 2.52
C ARG A 12 9.35 -1.44 1.59
N ARG A 13 10.53 -1.00 2.07
CA ARG A 13 11.43 -0.18 1.27
C ARG A 13 11.75 -0.88 -0.03
N VAL A 14 11.97 -0.06 -1.07
CA VAL A 14 12.30 -0.56 -2.41
C VAL A 14 12.39 0.61 -3.40
N CYS A 15 13.28 1.56 -3.13
CA CYS A 15 13.47 2.73 -3.99
C CYS A 15 12.35 3.72 -3.76
N ARG A 16 11.29 3.25 -3.12
CA ARG A 16 10.14 4.10 -2.84
C ARG A 16 9.05 3.32 -2.13
N ASN A 17 9.47 2.39 -1.33
CA ASN A 17 8.53 1.57 -0.62
C ASN A 17 7.61 0.84 -1.60
N THR A 18 7.21 -0.35 -1.22
CA THR A 18 6.30 -1.18 -2.04
C THR A 18 5.02 -1.32 -1.28
N CYS A 19 3.97 -1.58 -2.04
CA CYS A 19 2.64 -1.70 -1.49
C CYS A 19 2.16 -3.13 -1.55
N SER A 20 2.02 -3.73 -0.38
CA SER A 20 1.55 -5.09 -0.27
C SER A 20 0.45 -5.19 0.77
N CYS A 21 -0.77 -5.37 0.31
CA CYS A 21 -1.91 -5.52 1.21
C CYS A 21 -2.52 -6.90 0.96
N ILE A 22 -2.56 -7.71 2.01
CA ILE A 22 -3.07 -9.08 1.88
C ILE A 22 -3.65 -9.57 3.21
N ARG A 23 -4.46 -10.62 3.15
CA ARG A 23 -5.09 -11.16 4.35
C ARG A 23 -4.25 -12.30 4.92
N LEU A 24 -3.13 -12.56 4.25
CA LEU A 24 -2.24 -13.65 4.68
C LEU A 24 -0.96 -13.09 5.28
N SER A 25 -0.70 -13.48 6.52
CA SER A 25 0.50 -13.04 7.23
C SER A 25 1.77 -13.61 6.59
N ARG A 26 1.70 -14.87 6.16
CA ARG A 26 2.86 -15.52 5.55
C ARG A 26 3.29 -14.80 4.29
N SER A 27 2.30 -14.37 3.51
CA SER A 27 2.60 -13.67 2.27
C SER A 27 2.57 -12.16 2.50
N THR A 28 3.70 -11.52 2.23
CA THR A 28 3.81 -10.08 2.40
C THR A 28 4.38 -9.42 1.15
N TYR A 29 4.97 -10.24 0.26
CA TYR A 29 5.56 -9.73 -0.97
C TYR A 29 5.35 -10.71 -2.11
N ALA A 30 5.00 -10.19 -3.28
CA ALA A 30 4.78 -11.04 -4.44
C ALA A 30 5.18 -10.31 -5.72
N SER A 31 5.56 -11.08 -6.75
CA SER A 31 5.96 -10.50 -8.02
C SER A 31 5.34 -11.28 -9.18
N LEU B 1 -1.70 10.13 8.19
CA LEU B 1 -1.56 10.21 6.75
C LEU B 1 -0.42 9.32 6.26
N ARG B 2 -0.38 9.06 4.96
CA ARG B 2 0.67 8.21 4.38
C ARG B 2 0.37 6.75 4.65
N VAL B 3 1.43 5.96 4.82
CA VAL B 3 1.28 4.54 5.09
C VAL B 3 0.80 4.32 6.53
N ARG B 4 -0.45 3.88 6.66
CA ARG B 4 -1.05 3.63 7.95
C ARG B 4 -1.27 2.13 8.16
N ARG B 5 -2.39 1.80 8.80
CA ARG B 5 -2.72 0.41 9.08
C ARG B 5 -3.57 -0.20 7.96
N THR B 6 -4.57 -0.99 8.36
CA THR B 6 -5.45 -1.71 7.43
C THR B 6 -6.43 -0.80 6.74
N LEU B 7 -7.33 -0.25 7.53
CA LEU B 7 -8.37 0.68 7.06
C LEU B 7 -8.57 0.61 5.55
N GLN B 8 -7.75 1.38 4.83
CA GLN B 8 -7.84 1.42 3.38
C GLN B 8 -6.44 1.38 2.81
N CYS B 9 -6.28 0.63 1.74
CA CYS B 9 -4.97 0.46 1.12
C CYS B 9 -4.95 0.98 -0.29
N SER B 10 -3.99 1.85 -0.57
CA SER B 10 -3.84 2.42 -1.89
C SER B 10 -2.38 2.35 -2.33
N CYS B 11 -2.16 2.16 -3.63
CA CYS B 11 -0.81 2.08 -4.15
C CYS B 11 -0.71 2.80 -5.49
N ARG B 12 0.50 3.18 -5.89
CA ARG B 12 0.66 3.86 -7.20
C ARG B 12 2.07 3.65 -7.73
N ARG B 13 2.21 3.46 -9.06
CA ARG B 13 3.51 3.27 -9.68
C ARG B 13 4.46 4.39 -9.32
N VAL B 14 5.75 4.04 -9.31
CA VAL B 14 6.83 4.98 -9.00
C VAL B 14 8.16 4.24 -8.85
N CYS B 15 8.79 3.90 -9.95
CA CYS B 15 10.07 3.18 -9.91
C CYS B 15 9.89 1.82 -9.29
N ARG B 16 8.74 1.61 -8.68
CA ARG B 16 8.47 0.35 -8.01
C ARG B 16 7.22 0.44 -7.19
N ASN B 17 6.39 1.36 -7.56
CA ASN B 17 5.15 1.56 -6.86
C ASN B 17 5.39 2.04 -5.44
N THR B 18 4.44 2.80 -4.95
CA THR B 18 4.46 3.33 -3.59
C THR B 18 3.31 2.76 -2.81
N CYS B 19 3.43 2.84 -1.48
CA CYS B 19 2.44 2.32 -0.56
C CYS B 19 1.81 3.44 0.22
N SER B 20 0.49 3.43 0.29
CA SER B 20 -0.25 4.43 1.02
C SER B 20 -1.57 3.86 1.51
N CYS B 21 -1.70 3.74 2.82
CA CYS B 21 -2.95 3.25 3.42
C CYS B 21 -3.52 4.36 4.27
N ILE B 22 -4.79 4.68 3.99
CA ILE B 22 -5.47 5.78 4.70
C ILE B 22 -6.99 5.65 4.60
N ARG B 23 -7.69 6.19 5.58
CA ARG B 23 -9.15 6.13 5.58
C ARG B 23 -9.74 7.23 4.70
N LEU B 24 -8.87 8.05 4.13
CA LEU B 24 -9.31 9.15 3.27
C LEU B 24 -9.35 8.71 1.80
N SER B 25 -9.71 9.65 0.93
CA SER B 25 -9.78 9.36 -0.50
C SER B 25 -8.44 9.62 -1.17
N ARG B 26 -7.36 9.22 -0.50
CA ARG B 26 -6.01 9.41 -1.03
C ARG B 26 -5.71 10.89 -1.21
N SER B 27 -4.92 11.21 -2.23
CA SER B 27 -4.57 12.60 -2.50
C SER B 27 -3.52 13.09 -1.51
N THR B 28 -2.94 12.15 -0.76
CA THR B 28 -1.92 12.51 0.23
C THR B 28 -0.72 13.17 -0.44
N TYR B 29 -0.26 12.57 -1.53
CA TYR B 29 0.89 13.10 -2.25
C TYR B 29 0.79 12.77 -3.74
N ALA B 30 -0.19 11.93 -4.08
CA ALA B 30 -0.38 11.54 -5.47
C ALA B 30 -0.68 12.74 -6.35
N SER B 31 -1.49 13.66 -5.82
CA SER B 31 -1.85 14.87 -6.57
C SER B 31 -1.08 16.07 -6.05
N LEU A 1 1.90 -6.11 -11.00
CA LEU A 1 1.13 -6.45 -9.80
C LEU A 1 0.29 -5.24 -9.37
N ARG A 2 -0.97 -5.49 -9.07
CA ARG A 2 -1.88 -4.42 -8.64
C ARG A 2 -2.43 -4.74 -7.25
N VAL A 3 -2.41 -3.74 -6.37
CA VAL A 3 -2.92 -3.94 -5.02
C VAL A 3 -3.92 -2.83 -4.67
N ARG A 4 -5.13 -3.21 -4.30
CA ARG A 4 -6.15 -2.24 -3.93
C ARG A 4 -7.34 -2.95 -3.31
N ARG A 5 -7.47 -2.84 -2.01
CA ARG A 5 -8.56 -3.47 -1.28
C ARG A 5 -8.88 -2.70 0.01
N THR A 6 -9.45 -3.41 1.00
CA THR A 6 -9.82 -2.80 2.27
C THR A 6 -9.58 -3.77 3.43
N LEU A 7 -8.34 -3.87 3.89
CA LEU A 7 -8.01 -4.80 4.97
C LEU A 7 -6.77 -4.36 5.74
N GLN A 8 -5.61 -4.84 5.30
CA GLN A 8 -4.34 -4.50 5.93
C GLN A 8 -3.45 -3.88 4.89
N CYS A 9 -2.87 -2.76 5.25
CA CYS A 9 -2.04 -2.00 4.35
C CYS A 9 -0.60 -1.83 4.83
N SER A 10 0.35 -2.25 3.98
CA SER A 10 1.77 -2.15 4.32
C SER A 10 2.63 -1.92 3.05
N CYS A 11 3.84 -1.39 3.25
CA CYS A 11 4.76 -1.14 2.14
C CYS A 11 6.04 -1.93 2.30
N ARG A 12 6.76 -2.15 1.20
CA ARG A 12 8.03 -2.87 1.26
C ARG A 12 9.06 -2.17 0.40
N ARG A 13 10.23 -1.94 0.98
CA ARG A 13 11.32 -1.26 0.26
C ARG A 13 11.70 -1.99 -1.01
N VAL A 14 11.98 -1.19 -2.03
CA VAL A 14 12.36 -1.69 -3.34
C VAL A 14 12.54 -0.54 -4.35
N CYS A 15 13.47 0.38 -4.07
CA CYS A 15 13.70 1.52 -4.98
C CYS A 15 12.77 2.66 -4.63
N ARG A 16 11.70 2.33 -3.93
CA ARG A 16 10.71 3.34 -3.57
C ARG A 16 9.51 2.71 -2.89
N ASN A 17 9.76 1.75 -2.06
CA ASN A 17 8.68 1.10 -1.37
C ASN A 17 7.67 0.53 -2.38
N THR A 18 7.07 -0.57 -1.99
CA THR A 18 6.06 -1.25 -2.81
C THR A 18 4.74 -1.25 -2.10
N CYS A 19 3.66 -1.50 -2.83
CA CYS A 19 2.34 -1.47 -2.24
C CYS A 19 1.73 -2.85 -2.13
N SER A 20 1.62 -3.30 -0.88
CA SER A 20 1.05 -4.61 -0.61
C SER A 20 0.02 -4.53 0.50
N CYS A 21 -1.20 -4.91 0.17
CA CYS A 21 -2.28 -4.94 1.15
C CYS A 21 -2.81 -6.37 1.20
N ILE A 22 -2.87 -6.93 2.41
CA ILE A 22 -3.31 -8.33 2.56
C ILE A 22 -3.80 -8.60 3.98
N ARG A 23 -4.70 -9.56 4.11
CA ARG A 23 -5.22 -9.91 5.43
C ARG A 23 -4.21 -10.71 6.22
N LEU A 24 -3.22 -11.25 5.53
CA LEU A 24 -2.18 -12.04 6.18
C LEU A 24 -0.79 -11.56 5.77
N SER A 25 0.12 -11.53 6.72
CA SER A 25 1.49 -11.09 6.47
C SER A 25 2.40 -12.28 6.20
N ARG A 26 1.80 -13.45 6.03
CA ARG A 26 2.57 -14.67 5.77
C ARG A 26 3.42 -14.51 4.52
N SER A 27 2.96 -13.69 3.59
CA SER A 27 3.69 -13.47 2.36
C SER A 27 3.29 -12.16 1.71
N THR A 28 4.00 -11.10 2.08
CA THR A 28 3.71 -9.78 1.54
C THR A 28 4.05 -9.71 0.05
N TYR A 29 5.14 -10.36 -0.33
CA TYR A 29 5.57 -10.39 -1.72
C TYR A 29 6.50 -11.56 -1.99
N ALA A 30 6.26 -12.27 -3.09
CA ALA A 30 7.09 -13.40 -3.46
C ALA A 30 7.11 -13.59 -4.97
N SER A 31 8.20 -14.16 -5.47
CA SER A 31 8.34 -14.39 -6.90
C SER A 31 7.89 -13.17 -7.69
N LEU B 1 6.78 7.38 8.42
CA LEU B 1 5.68 7.80 7.55
C LEU B 1 4.35 7.25 8.07
N ARG B 2 4.43 6.14 8.79
CA ARG B 2 3.23 5.50 9.33
C ARG B 2 2.22 5.23 8.23
N VAL B 3 2.71 4.83 7.07
CA VAL B 3 1.84 4.54 5.93
C VAL B 3 1.03 3.28 6.19
N ARG B 4 1.44 2.52 7.21
CA ARG B 4 0.75 1.29 7.58
C ARG B 4 -0.61 1.61 8.20
N ARG B 5 -1.65 0.94 7.71
CA ARG B 5 -2.99 1.17 8.23
C ARG B 5 -3.89 -0.03 7.95
N THR B 6 -5.15 0.08 8.35
CA THR B 6 -6.11 -1.00 8.13
C THR B 6 -7.48 -0.44 7.79
N LEU B 7 -7.63 0.05 6.57
CA LEU B 7 -8.90 0.65 6.14
C LEU B 7 -9.08 0.62 4.63
N GLN B 8 -8.58 1.66 3.99
CA GLN B 8 -8.67 1.78 2.55
C GLN B 8 -7.27 1.79 2.00
N CYS B 9 -7.03 0.93 1.04
CA CYS B 9 -5.72 0.79 0.46
C CYS B 9 -5.69 1.12 -1.01
N SER B 10 -4.80 2.03 -1.36
CA SER B 10 -4.62 2.42 -2.74
C SER B 10 -3.13 2.49 -3.04
N CYS B 11 -2.76 2.29 -4.30
CA CYS B 11 -1.35 2.33 -4.67
C CYS B 11 -1.13 3.24 -5.88
N ARG B 12 0.06 3.87 -5.97
CA ARG B 12 0.36 4.76 -7.09
C ARG B 12 1.73 4.46 -7.67
N ARG B 13 1.81 4.50 -9.00
CA ARG B 13 3.08 4.22 -9.69
C ARG B 13 4.19 5.13 -9.21
N VAL B 14 5.36 4.52 -9.08
CA VAL B 14 6.56 5.19 -8.60
C VAL B 14 7.75 4.22 -8.57
N CYS B 15 8.21 3.79 -9.76
CA CYS B 15 9.32 2.82 -9.86
C CYS B 15 8.91 1.48 -9.29
N ARG B 16 7.79 1.47 -8.59
CA ARG B 16 7.32 0.23 -7.97
C ARG B 16 6.06 0.45 -7.15
N ASN B 17 5.21 1.31 -7.63
CA ASN B 17 4.00 1.57 -6.90
C ASN B 17 4.33 2.15 -5.51
N THR B 18 3.43 2.99 -5.05
CA THR B 18 3.53 3.66 -3.74
C THR B 18 2.38 3.20 -2.87
N CYS B 19 2.47 3.51 -1.59
CA CYS B 19 1.46 3.12 -0.64
C CYS B 19 0.66 4.31 -0.15
N SER B 20 -0.62 4.31 -0.47
CA SER B 20 -1.51 5.35 -0.02
C SER B 20 -2.75 4.70 0.56
N CYS B 21 -2.86 4.74 1.88
CA CYS B 21 -4.01 4.18 2.55
C CYS B 21 -4.64 5.28 3.38
N ILE B 22 -5.95 5.40 3.29
CA ILE B 22 -6.64 6.48 4.00
C ILE B 22 -8.14 6.24 4.10
N ARG B 23 -8.74 6.74 5.16
CA ARG B 23 -10.17 6.56 5.35
C ARG B 23 -10.97 7.41 4.38
N LEU B 24 -10.49 8.62 4.15
CA LEU B 24 -11.16 9.55 3.25
C LEU B 24 -10.74 9.30 1.81
N SER B 25 -11.72 9.25 0.91
CA SER B 25 -11.42 9.02 -0.50
C SER B 25 -10.54 10.12 -1.07
N ARG B 26 -10.67 11.32 -0.52
CA ARG B 26 -9.87 12.45 -0.99
C ARG B 26 -8.43 12.33 -0.49
N SER B 27 -7.49 12.81 -1.30
CA SER B 27 -6.08 12.76 -0.94
C SER B 27 -5.55 11.34 -1.03
N THR B 28 -4.89 11.03 -2.13
CA THR B 28 -4.33 9.71 -2.35
C THR B 28 -2.81 9.79 -2.47
N TYR B 29 -2.29 10.99 -2.69
CA TYR B 29 -0.85 11.18 -2.84
C TYR B 29 -0.41 12.49 -2.20
N ALA B 30 0.66 12.45 -1.41
CA ALA B 30 1.17 13.64 -0.76
C ALA B 30 0.12 14.21 0.20
N SER B 31 -0.51 13.33 0.96
CA SER B 31 -1.53 13.75 1.91
C SER B 31 -0.89 14.33 3.17
N LEU A 1 -0.55 -8.97 -7.06
CA LEU A 1 -2.00 -9.13 -7.05
C LEU A 1 -2.60 -8.53 -5.78
N ARG A 2 -3.85 -8.08 -5.87
CA ARG A 2 -4.52 -7.49 -4.71
C ARG A 2 -3.66 -6.38 -4.11
N VAL A 3 -3.42 -5.33 -4.88
CA VAL A 3 -2.62 -4.20 -4.40
C VAL A 3 -3.51 -2.99 -4.15
N ARG A 4 -4.58 -3.19 -3.38
CA ARG A 4 -5.52 -2.11 -3.07
C ARG A 4 -6.50 -2.55 -1.98
N ARG A 5 -7.76 -2.17 -2.17
CA ARG A 5 -8.83 -2.51 -1.25
C ARG A 5 -8.59 -1.89 0.14
N THR A 6 -8.81 -2.67 1.18
CA THR A 6 -8.66 -2.18 2.55
C THR A 6 -7.94 -3.21 3.44
N LEU A 7 -8.66 -4.29 3.75
CA LEU A 7 -8.18 -5.39 4.59
C LEU A 7 -6.88 -5.08 5.35
N GLN A 8 -5.76 -5.56 4.81
CA GLN A 8 -4.46 -5.35 5.45
C GLN A 8 -3.52 -4.73 4.45
N CYS A 9 -2.80 -3.72 4.91
CA CYS A 9 -1.89 -3.00 4.05
C CYS A 9 -0.45 -3.09 4.51
N SER A 10 0.39 -3.60 3.61
CA SER A 10 1.81 -3.74 3.88
C SER A 10 2.59 -3.08 2.74
N CYS A 11 3.70 -2.44 3.10
CA CYS A 11 4.52 -1.77 2.11
C CYS A 11 5.99 -2.05 2.38
N ARG A 12 6.83 -1.89 1.36
CA ARG A 12 8.28 -2.14 1.55
C ARG A 12 9.10 -1.22 0.67
N ARG A 13 10.26 -0.78 1.18
CA ARG A 13 11.13 0.12 0.44
C ARG A 13 11.52 -0.43 -0.93
N VAL A 14 11.69 0.49 -1.86
CA VAL A 14 12.06 0.16 -3.24
C VAL A 14 12.07 1.41 -4.14
N CYS A 15 12.98 2.33 -3.88
CA CYS A 15 13.05 3.56 -4.67
C CYS A 15 11.91 4.49 -4.31
N ARG A 16 10.89 3.92 -3.69
CA ARG A 16 9.72 4.70 -3.30
C ARG A 16 8.71 3.82 -2.60
N ASN A 17 9.18 2.77 -2.01
CA ASN A 17 8.29 1.87 -1.36
C ASN A 17 7.37 1.18 -2.36
N THR A 18 6.96 -0.02 -2.00
CA THR A 18 6.05 -0.82 -2.82
C THR A 18 4.78 -1.03 -2.05
N CYS A 19 3.71 -1.34 -2.77
CA CYS A 19 2.40 -1.50 -2.17
C CYS A 19 1.91 -2.94 -2.28
N SER A 20 1.44 -3.46 -1.13
CA SER A 20 0.92 -4.82 -1.08
C SER A 20 -0.13 -4.92 0.01
N CYS A 21 -1.38 -5.11 -0.40
CA CYS A 21 -2.47 -5.24 0.57
C CYS A 21 -3.09 -6.63 0.40
N ILE A 22 -3.20 -7.35 1.51
CA ILE A 22 -3.73 -8.72 1.47
C ILE A 22 -4.31 -9.15 2.82
N ARG A 23 -5.06 -10.23 2.83
CA ARG A 23 -5.65 -10.72 4.07
C ARG A 23 -4.63 -11.52 4.87
N LEU A 24 -3.51 -11.83 4.24
CA LEU A 24 -2.45 -12.59 4.92
C LEU A 24 -1.14 -11.83 4.93
N SER A 25 -0.63 -11.56 6.12
CA SER A 25 0.63 -10.84 6.27
C SER A 25 1.78 -11.60 5.63
N ARG A 26 1.78 -12.92 5.80
CA ARG A 26 2.83 -13.74 5.24
C ARG A 26 2.79 -13.73 3.72
N SER A 27 3.96 -13.74 3.09
CA SER A 27 4.05 -13.73 1.64
C SER A 27 3.34 -12.51 1.07
N THR A 28 4.14 -11.58 0.57
CA THR A 28 3.60 -10.35 -0.01
C THR A 28 4.25 -10.05 -1.35
N TYR A 29 5.23 -9.16 -1.35
CA TYR A 29 5.93 -8.79 -2.57
C TYR A 29 6.61 -9.99 -3.20
N ALA A 30 7.35 -10.74 -2.39
CA ALA A 30 8.06 -11.92 -2.87
C ALA A 30 7.41 -13.19 -2.32
N SER A 31 7.19 -14.17 -3.19
CA SER A 31 6.59 -15.43 -2.78
C SER A 31 7.50 -16.16 -1.80
N LEU B 1 2.34 7.19 11.30
CA LEU B 1 1.12 7.86 10.85
C LEU B 1 0.92 7.65 9.35
N ARG B 2 1.95 7.96 8.58
CA ARG B 2 1.88 7.81 7.13
C ARG B 2 1.72 6.35 6.75
N VAL B 3 0.82 6.07 5.82
CA VAL B 3 0.58 4.70 5.38
C VAL B 3 0.28 3.80 6.59
N ARG B 4 -0.99 3.42 6.76
CA ARG B 4 -1.41 2.56 7.87
C ARG B 4 -2.30 1.43 7.41
N ARG B 5 -2.55 0.46 8.29
CA ARG B 5 -3.39 -0.69 7.95
C ARG B 5 -4.65 -0.71 8.78
N THR B 6 -5.65 -1.43 8.25
CA THR B 6 -6.94 -1.61 8.91
C THR B 6 -7.85 -0.44 8.59
N LEU B 7 -7.63 0.12 7.43
CA LEU B 7 -8.41 1.27 6.99
C LEU B 7 -8.69 1.23 5.47
N GLN B 8 -7.88 1.96 4.71
CA GLN B 8 -8.04 2.01 3.27
C GLN B 8 -6.68 1.87 2.62
N CYS B 9 -6.64 1.09 1.56
CA CYS B 9 -5.39 0.84 0.85
C CYS B 9 -5.42 1.32 -0.58
N SER B 10 -4.38 2.03 -0.96
CA SER B 10 -4.27 2.52 -2.30
C SER B 10 -2.81 2.52 -2.75
N CYS B 11 -2.58 2.40 -4.05
CA CYS B 11 -1.23 2.36 -4.56
C CYS B 11 -1.15 3.15 -5.88
N ARG B 12 0.04 3.60 -6.26
CA ARG B 12 0.20 4.36 -7.50
C ARG B 12 1.58 4.15 -8.10
N ARG B 13 1.66 4.09 -9.44
CA ARG B 13 2.93 3.88 -10.13
C ARG B 13 3.99 4.87 -9.73
N VAL B 14 5.23 4.39 -9.73
CA VAL B 14 6.40 5.21 -9.38
C VAL B 14 7.69 4.37 -9.37
N CYS B 15 8.11 3.89 -10.52
CA CYS B 15 9.33 3.07 -10.60
C CYS B 15 9.07 1.70 -10.01
N ARG B 16 7.98 1.57 -9.28
CA ARG B 16 7.61 0.31 -8.65
C ARG B 16 6.37 0.48 -7.82
N ASN B 17 5.57 1.41 -8.18
CA ASN B 17 4.37 1.65 -7.42
C ASN B 17 4.69 2.15 -6.03
N THR B 18 3.77 2.92 -5.50
CA THR B 18 3.88 3.46 -4.15
C THR B 18 2.76 2.90 -3.32
N CYS B 19 2.95 2.95 -2.01
CA CYS B 19 1.98 2.42 -1.08
C CYS B 19 1.37 3.54 -0.27
N SER B 20 0.07 3.74 -0.45
CA SER B 20 -0.64 4.76 0.28
C SER B 20 -1.89 4.18 0.92
N CYS B 21 -1.86 4.02 2.23
CA CYS B 21 -3.01 3.50 2.94
C CYS B 21 -3.41 4.54 3.98
N ILE B 22 -4.66 4.95 3.93
CA ILE B 22 -5.14 6.00 4.84
C ILE B 22 -6.66 5.91 5.02
N ARG B 23 -7.19 6.60 6.03
CA ARG B 23 -8.62 6.57 6.28
C ARG B 23 -9.35 7.47 5.29
N LEU B 24 -8.58 8.11 4.44
CA LEU B 24 -9.13 9.02 3.44
C LEU B 24 -9.33 8.31 2.10
N SER B 25 -9.99 8.99 1.15
CA SER B 25 -10.24 8.38 -0.15
C SER B 25 -8.93 8.13 -0.91
N ARG B 26 -8.02 9.11 -0.88
CA ARG B 26 -6.73 8.99 -1.56
C ARG B 26 -5.97 10.32 -1.51
N SER B 27 -6.15 11.08 -0.43
CA SER B 27 -5.47 12.36 -0.30
C SER B 27 -4.18 12.19 0.50
N THR B 28 -3.10 11.94 -0.21
CA THR B 28 -1.80 11.78 0.43
C THR B 28 -0.69 11.77 -0.60
N TYR B 29 0.17 12.78 -0.54
CA TYR B 29 1.28 12.90 -1.47
C TYR B 29 0.79 12.93 -2.91
N ALA B 30 1.55 13.58 -3.78
CA ALA B 30 1.18 13.68 -5.19
C ALA B 30 -0.19 14.33 -5.33
N SER B 31 -0.52 15.21 -4.39
CA SER B 31 -1.81 15.90 -4.42
C SER B 31 -1.69 17.23 -5.16
N LEU A 1 -1.35 -4.68 -9.76
CA LEU A 1 -2.80 -4.86 -9.89
C LEU A 1 -3.27 -5.99 -8.98
N ARG A 2 -2.35 -6.54 -8.20
CA ARG A 2 -2.68 -7.63 -7.29
C ARG A 2 -2.83 -7.10 -5.86
N VAL A 3 -3.01 -5.79 -5.75
CA VAL A 3 -3.18 -5.15 -4.45
C VAL A 3 -4.57 -4.53 -4.35
N ARG A 4 -5.34 -4.97 -3.35
CA ARG A 4 -6.70 -4.48 -3.13
C ARG A 4 -6.78 -3.66 -1.84
N ARG A 5 -8.01 -3.45 -1.36
CA ARG A 5 -8.22 -2.70 -0.13
C ARG A 5 -9.36 -3.28 0.67
N THR A 6 -9.54 -2.74 1.89
CA THR A 6 -10.61 -3.15 2.81
C THR A 6 -10.20 -4.36 3.61
N LEU A 7 -8.93 -4.43 3.92
CA LEU A 7 -8.39 -5.54 4.69
C LEU A 7 -7.19 -5.10 5.54
N GLN A 8 -5.98 -5.44 5.10
CA GLN A 8 -4.78 -5.05 5.81
C GLN A 8 -3.83 -4.39 4.85
N CYS A 9 -3.17 -3.36 5.32
CA CYS A 9 -2.28 -2.58 4.48
C CYS A 9 -0.83 -2.60 4.98
N SER A 10 0.08 -2.83 4.03
CA SER A 10 1.50 -2.87 4.33
C SER A 10 2.29 -2.25 3.18
N CYS A 11 3.49 -1.79 3.48
CA CYS A 11 4.33 -1.16 2.47
C CYS A 11 5.77 -1.71 2.56
N ARG A 12 6.50 -1.70 1.45
CA ARG A 12 7.89 -2.20 1.46
C ARG A 12 8.79 -1.42 0.50
N ARG A 13 10.07 -1.27 0.87
CA ARG A 13 11.03 -0.52 0.05
C ARG A 13 11.09 -1.02 -1.38
N VAL A 14 11.30 -0.06 -2.28
CA VAL A 14 11.37 -0.34 -3.73
C VAL A 14 11.68 0.94 -4.52
N CYS A 15 12.71 1.65 -4.13
CA CYS A 15 13.05 2.91 -4.80
C CYS A 15 12.12 4.00 -4.33
N ARG A 16 11.04 3.58 -3.69
CA ARG A 16 10.05 4.54 -3.18
C ARG A 16 8.92 3.83 -2.47
N ASN A 17 9.24 2.79 -1.75
CA ASN A 17 8.22 2.06 -1.05
C ASN A 17 7.21 1.49 -2.04
N THR A 18 6.73 0.29 -1.74
CA THR A 18 5.74 -0.39 -2.57
C THR A 18 4.48 -0.60 -1.76
N CYS A 19 3.42 -0.92 -2.47
CA CYS A 19 2.11 -1.09 -1.86
C CYS A 19 1.69 -2.55 -1.86
N SER A 20 1.31 -3.02 -0.69
CA SER A 20 0.88 -4.39 -0.54
C SER A 20 -0.20 -4.48 0.51
N CYS A 21 -1.43 -4.77 0.08
CA CYS A 21 -2.54 -4.91 1.02
C CYS A 21 -3.06 -6.32 0.91
N ILE A 22 -3.14 -7.00 2.05
CA ILE A 22 -3.59 -8.39 2.07
C ILE A 22 -4.32 -8.72 3.36
N ARG A 23 -4.91 -9.91 3.41
CA ARG A 23 -5.63 -10.35 4.57
C ARG A 23 -4.72 -11.21 5.42
N LEU A 24 -3.53 -10.65 5.68
CA LEU A 24 -2.52 -11.36 6.48
C LEU A 24 -2.00 -12.57 5.73
N SER A 25 -1.45 -13.51 6.49
CA SER A 25 -0.89 -14.73 5.91
C SER A 25 0.49 -14.46 5.34
N ARG A 26 1.02 -13.28 5.66
CA ARG A 26 2.34 -12.87 5.18
C ARG A 26 2.56 -13.35 3.74
N SER A 27 3.75 -13.86 3.45
CA SER A 27 4.07 -14.35 2.12
C SER A 27 3.67 -13.34 1.06
N THR A 28 4.35 -12.20 1.05
CA THR A 28 4.08 -11.16 0.09
C THR A 28 5.36 -10.79 -0.66
N TYR A 29 5.36 -11.06 -1.94
CA TYR A 29 6.51 -10.77 -2.80
C TYR A 29 7.81 -11.03 -2.06
N ALA A 30 8.23 -12.28 -2.01
CA ALA A 30 9.46 -12.65 -1.33
C ALA A 30 10.09 -13.89 -1.97
N SER A 31 11.40 -14.03 -1.81
CA SER A 31 12.11 -15.17 -2.37
C SER A 31 11.84 -15.29 -3.86
N LEU B 1 7.50 3.25 8.62
CA LEU B 1 7.66 3.03 7.18
C LEU B 1 6.31 2.81 6.52
N ARG B 2 5.41 2.14 7.24
CA ARG B 2 4.07 1.86 6.72
C ARG B 2 3.26 3.15 6.62
N VAL B 3 2.42 3.26 5.60
CA VAL B 3 1.59 4.45 5.43
C VAL B 3 0.21 4.24 6.04
N ARG B 4 0.19 3.86 7.31
CA ARG B 4 -1.06 3.62 8.05
C ARG B 4 -1.71 2.32 7.60
N ARG B 5 -2.60 1.80 8.44
CA ARG B 5 -3.28 0.56 8.12
C ARG B 5 -4.53 0.36 8.95
N THR B 6 -5.38 -0.58 8.50
CA THR B 6 -6.63 -0.95 9.18
C THR B 6 -7.76 -0.02 8.77
N LEU B 7 -7.70 0.43 7.54
CA LEU B 7 -8.70 1.34 7.01
C LEU B 7 -8.89 1.16 5.50
N GLN B 8 -8.24 2.01 4.71
CA GLN B 8 -8.34 1.94 3.26
C GLN B 8 -6.93 1.89 2.69
N CYS B 9 -6.74 1.03 1.70
CA CYS B 9 -5.42 0.85 1.11
C CYS B 9 -5.42 1.23 -0.36
N SER B 10 -4.52 2.13 -0.74
CA SER B 10 -4.42 2.55 -2.12
C SER B 10 -2.95 2.53 -2.55
N CYS B 11 -2.72 2.37 -3.84
CA CYS B 11 -1.36 2.31 -4.37
C CYS B 11 -1.19 3.28 -5.55
N ARG B 12 0.02 3.81 -5.73
CA ARG B 12 0.29 4.73 -6.81
C ARG B 12 1.62 4.40 -7.48
N ARG B 13 1.71 4.69 -8.77
CA ARG B 13 2.94 4.42 -9.50
C ARG B 13 4.04 5.43 -9.17
N VAL B 14 5.26 4.92 -9.20
CA VAL B 14 6.43 5.72 -8.91
C VAL B 14 7.70 4.87 -9.06
N CYS B 15 8.00 4.50 -10.29
CA CYS B 15 9.17 3.67 -10.56
C CYS B 15 8.86 2.22 -10.27
N ARG B 16 7.68 2.00 -9.74
CA ARG B 16 7.24 0.66 -9.39
C ARG B 16 5.87 0.68 -8.77
N ASN B 17 5.79 1.43 -7.71
CA ASN B 17 4.56 1.57 -6.93
C ASN B 17 4.82 2.34 -5.62
N THR B 18 3.77 2.97 -5.09
CA THR B 18 3.83 3.71 -3.82
C THR B 18 2.73 3.19 -2.93
N CYS B 19 2.91 3.35 -1.62
CA CYS B 19 1.94 2.86 -0.66
C CYS B 19 1.27 3.99 0.07
N SER B 20 -0.05 4.04 -0.03
CA SER B 20 -0.81 5.07 0.63
C SER B 20 -2.12 4.48 1.17
N CYS B 21 -2.22 4.40 2.49
CA CYS B 21 -3.43 3.88 3.12
C CYS B 21 -4.02 4.98 3.97
N ILE B 22 -5.29 5.25 3.75
CA ILE B 22 -5.97 6.33 4.48
C ILE B 22 -7.47 6.13 4.52
N ARG B 23 -8.10 6.68 5.54
CA ARG B 23 -9.55 6.56 5.68
C ARG B 23 -10.25 7.73 5.00
N LEU B 24 -9.47 8.58 4.34
CA LEU B 24 -10.02 9.75 3.65
C LEU B 24 -9.89 9.61 2.14
N SER B 25 -10.95 10.01 1.43
CA SER B 25 -10.97 9.93 -0.03
C SER B 25 -10.14 11.07 -0.64
N ARG B 26 -9.75 12.02 0.20
CA ARG B 26 -8.98 13.17 -0.27
C ARG B 26 -7.59 12.73 -0.73
N SER B 27 -6.97 13.56 -1.57
CA SER B 27 -5.66 13.25 -2.10
C SER B 27 -4.72 12.82 -0.97
N THR B 28 -4.22 11.60 -1.08
CA THR B 28 -3.32 11.06 -0.09
C THR B 28 -1.89 11.59 -0.28
N TYR B 29 -1.43 11.57 -1.53
CA TYR B 29 -0.09 12.05 -1.85
C TYR B 29 -0.09 12.86 -3.14
N ALA B 30 0.49 14.04 -3.10
CA ALA B 30 0.55 14.91 -4.27
C ALA B 30 -0.85 15.36 -4.67
N SER B 31 -0.96 16.00 -5.83
CA SER B 31 -2.25 16.47 -6.32
C SER B 31 -3.06 17.09 -5.18
N LEU A 1 -2.89 -9.52 -10.33
CA LEU A 1 -2.29 -9.10 -9.08
C LEU A 1 -2.57 -7.62 -8.82
N ARG A 2 -3.49 -7.35 -7.89
CA ARG A 2 -3.84 -5.98 -7.56
C ARG A 2 -3.88 -5.79 -6.04
N VAL A 3 -3.27 -4.72 -5.56
CA VAL A 3 -3.24 -4.43 -4.13
C VAL A 3 -4.11 -3.20 -3.82
N ARG A 4 -5.16 -3.43 -3.02
CA ARG A 4 -6.08 -2.36 -2.67
C ARG A 4 -7.05 -2.82 -1.60
N ARG A 5 -8.31 -2.46 -1.78
CA ARG A 5 -9.38 -2.82 -0.86
C ARG A 5 -9.15 -2.23 0.53
N THR A 6 -9.37 -3.04 1.56
CA THR A 6 -9.20 -2.59 2.95
C THR A 6 -8.45 -3.63 3.78
N LEU A 7 -9.15 -4.71 4.11
CA LEU A 7 -8.60 -5.83 4.91
C LEU A 7 -7.33 -5.47 5.67
N GLN A 8 -6.18 -5.85 5.11
CA GLN A 8 -4.90 -5.58 5.75
C GLN A 8 -4.03 -4.85 4.79
N CYS A 9 -3.37 -3.82 5.29
CA CYS A 9 -2.51 -3.00 4.46
C CYS A 9 -1.09 -2.90 4.99
N SER A 10 -0.15 -3.34 4.16
CA SER A 10 1.25 -3.30 4.51
C SER A 10 2.05 -2.65 3.38
N CYS A 11 3.13 -1.95 3.74
CA CYS A 11 3.96 -1.29 2.75
C CYS A 11 5.43 -1.58 3.03
N ARG A 12 6.29 -1.43 2.02
CA ARG A 12 7.73 -1.68 2.22
C ARG A 12 8.54 -0.80 1.29
N ARG A 13 9.69 -0.32 1.77
CA ARG A 13 10.56 0.54 0.96
C ARG A 13 10.95 -0.11 -0.35
N VAL A 14 11.15 0.74 -1.36
CA VAL A 14 11.54 0.29 -2.70
C VAL A 14 11.54 1.47 -3.70
N CYS A 15 12.47 2.40 -3.53
CA CYS A 15 12.55 3.55 -4.42
C CYS A 15 11.41 4.51 -4.14
N ARG A 16 10.41 4.03 -3.43
CA ARG A 16 9.25 4.84 -3.09
C ARG A 16 8.23 4.06 -2.33
N ASN A 17 8.64 2.95 -1.84
CA ASN A 17 7.75 2.09 -1.11
C ASN A 17 6.83 1.32 -2.04
N THR A 18 6.45 0.14 -1.60
CA THR A 18 5.54 -0.72 -2.35
C THR A 18 4.27 -0.91 -1.55
N CYS A 19 3.21 -1.28 -2.25
CA CYS A 19 1.91 -1.47 -1.63
C CYS A 19 1.49 -2.92 -1.66
N SER A 20 1.12 -3.43 -0.49
CA SER A 20 0.68 -4.81 -0.39
C SER A 20 -0.46 -4.91 0.61
N CYS A 21 -1.66 -5.14 0.11
CA CYS A 21 -2.82 -5.30 0.98
C CYS A 21 -3.40 -6.69 0.75
N ILE A 22 -3.52 -7.46 1.83
CA ILE A 22 -4.01 -8.84 1.74
C ILE A 22 -4.55 -9.33 3.09
N ARG A 23 -5.21 -10.48 3.07
CA ARG A 23 -5.77 -11.02 4.32
C ARG A 23 -4.78 -11.95 4.98
N LEU A 24 -3.57 -12.02 4.41
CA LEU A 24 -2.53 -12.89 4.94
C LEU A 24 -1.56 -12.12 5.83
N SER A 25 -1.37 -12.60 7.05
CA SER A 25 -0.46 -11.95 7.98
C SER A 25 1.00 -12.12 7.53
N ARG A 26 1.23 -13.12 6.68
CA ARG A 26 2.57 -13.38 6.17
C ARG A 26 3.01 -12.30 5.20
N SER A 27 4.32 -12.11 5.12
CA SER A 27 4.88 -11.10 4.22
C SER A 27 5.10 -11.70 2.84
N THR A 28 4.29 -11.27 1.89
CA THR A 28 4.40 -11.76 0.52
C THR A 28 4.92 -10.64 -0.38
N TYR A 29 6.18 -10.75 -0.75
CA TYR A 29 6.82 -9.78 -1.61
C TYR A 29 7.39 -10.44 -2.86
N ALA A 30 7.07 -9.88 -4.02
CA ALA A 30 7.56 -10.42 -5.28
C ALA A 30 9.08 -10.33 -5.36
N SER A 31 9.69 -11.34 -5.98
CA SER A 31 11.15 -11.37 -6.12
C SER A 31 11.54 -11.94 -7.48
N LEU B 1 8.93 0.67 6.75
CA LEU B 1 7.86 0.97 7.71
C LEU B 1 6.50 0.83 7.05
N ARG B 2 5.45 1.17 7.80
CA ARG B 2 4.08 1.08 7.28
C ARG B 2 3.46 2.47 7.17
N VAL B 3 2.88 2.75 6.00
CA VAL B 3 2.25 4.04 5.78
C VAL B 3 1.07 4.24 6.74
N ARG B 4 0.30 3.18 6.94
CA ARG B 4 -0.86 3.23 7.83
C ARG B 4 -1.23 1.83 8.32
N ARG B 5 -2.42 1.71 8.90
CA ARG B 5 -2.88 0.43 9.44
C ARG B 5 -3.62 -0.40 8.40
N THR B 6 -4.92 -0.52 8.59
CA THR B 6 -5.77 -1.32 7.69
C THR B 6 -6.79 -0.45 6.96
N LEU B 7 -7.68 0.16 7.73
CA LEU B 7 -8.72 1.05 7.23
C LEU B 7 -9.00 0.87 5.74
N GLN B 8 -8.43 1.76 4.91
CA GLN B 8 -8.61 1.70 3.47
C GLN B 8 -7.25 1.64 2.82
N CYS B 9 -7.18 0.89 1.75
CA CYS B 9 -5.92 0.70 1.04
C CYS B 9 -5.96 1.22 -0.37
N SER B 10 -5.00 2.09 -0.66
CA SER B 10 -4.88 2.64 -1.99
C SER B 10 -3.42 2.63 -2.43
N CYS B 11 -3.18 2.29 -3.68
CA CYS B 11 -1.82 2.24 -4.20
C CYS B 11 -1.77 2.92 -5.57
N ARG B 12 -0.57 3.33 -6.00
CA ARG B 12 -0.44 3.97 -7.32
C ARG B 12 0.94 3.74 -7.90
N ARG B 13 1.04 3.64 -9.23
CA ARG B 13 2.32 3.42 -9.90
C ARG B 13 3.34 4.47 -9.53
N VAL B 14 4.61 4.08 -9.58
CA VAL B 14 5.75 4.95 -9.25
C VAL B 14 7.07 4.17 -9.17
N CYS B 15 7.55 3.69 -10.31
CA CYS B 15 8.79 2.92 -10.32
C CYS B 15 8.58 1.57 -9.68
N ARG B 16 7.57 1.49 -8.83
CA ARG B 16 7.26 0.25 -8.14
C ARG B 16 6.00 0.42 -7.32
N ASN B 17 5.12 1.24 -7.80
CA ASN B 17 3.90 1.49 -7.08
C ASN B 17 4.18 2.03 -5.69
N THR B 18 3.25 2.84 -5.19
CA THR B 18 3.35 3.42 -3.86
C THR B 18 2.22 2.90 -3.01
N CYS B 19 2.40 3.02 -1.69
CA CYS B 19 1.43 2.52 -0.73
C CYS B 19 0.76 3.66 0.01
N SER B 20 -0.54 3.78 -0.20
CA SER B 20 -1.31 4.80 0.47
C SER B 20 -2.56 4.19 1.06
N CYS B 21 -2.59 4.11 2.38
CA CYS B 21 -3.76 3.58 3.07
C CYS B 21 -4.31 4.71 3.93
N ILE B 22 -5.59 5.00 3.72
CA ILE B 22 -6.23 6.11 4.44
C ILE B 22 -7.75 5.94 4.46
N ARG B 23 -8.37 6.44 5.51
CA ARG B 23 -9.83 6.36 5.64
C ARG B 23 -10.51 7.43 4.79
N LEU B 24 -9.75 8.45 4.42
CA LEU B 24 -10.26 9.55 3.61
C LEU B 24 -9.18 10.01 2.64
N SER B 25 -8.96 11.31 2.60
CA SER B 25 -7.96 11.87 1.72
C SER B 25 -8.13 11.32 0.31
N ARG B 26 -9.32 11.48 -0.23
CA ARG B 26 -9.61 10.97 -1.58
C ARG B 26 -8.51 11.39 -2.55
N SER B 27 -7.76 12.42 -2.18
CA SER B 27 -6.67 12.90 -3.02
C SER B 27 -5.38 13.02 -2.21
N THR B 28 -4.42 12.15 -2.50
CA THR B 28 -3.14 12.17 -1.79
C THR B 28 -2.01 11.74 -2.73
N TYR B 29 -1.26 12.71 -3.19
CA TYR B 29 -0.13 12.43 -4.08
C TYR B 29 0.96 13.49 -3.93
N ALA B 30 2.21 13.04 -3.83
CA ALA B 30 3.33 13.94 -3.68
C ALA B 30 3.48 14.82 -4.92
N SER B 31 3.83 16.09 -4.71
CA SER B 31 4.00 17.02 -5.81
C SER B 31 4.62 18.33 -5.34
N LEU A 1 1.89 -6.39 -5.03
CA LEU A 1 1.13 -7.30 -5.87
C LEU A 1 -0.28 -7.49 -5.32
N ARG A 2 -1.26 -7.51 -6.22
CA ARG A 2 -2.65 -7.68 -5.82
C ARG A 2 -3.05 -6.63 -4.81
N VAL A 3 -2.66 -5.38 -5.08
CA VAL A 3 -2.99 -4.29 -4.18
C VAL A 3 -4.50 -4.02 -4.19
N ARG A 4 -5.10 -4.11 -3.01
CA ARG A 4 -6.54 -3.88 -2.84
C ARG A 4 -6.79 -2.80 -1.79
N ARG A 5 -8.03 -2.69 -1.36
CA ARG A 5 -8.39 -1.71 -0.36
C ARG A 5 -9.48 -2.23 0.56
N THR A 6 -9.59 -1.62 1.74
CA THR A 6 -10.60 -2.00 2.72
C THR A 6 -10.10 -3.16 3.55
N LEU A 7 -8.79 -3.29 3.61
CA LEU A 7 -8.20 -4.38 4.37
C LEU A 7 -6.97 -3.96 5.16
N GLN A 8 -5.77 -4.28 4.65
CA GLN A 8 -4.53 -3.93 5.32
C GLN A 8 -3.62 -3.24 4.32
N CYS A 9 -2.94 -2.22 4.79
CA CYS A 9 -2.07 -1.43 3.93
C CYS A 9 -0.61 -1.51 4.37
N SER A 10 0.21 -2.03 3.46
CA SER A 10 1.63 -2.19 3.72
C SER A 10 2.48 -1.78 2.50
N CYS A 11 3.67 -1.29 2.78
CA CYS A 11 4.58 -0.85 1.71
C CYS A 11 5.96 -1.47 1.91
N ARG A 12 6.72 -1.60 0.82
CA ARG A 12 8.06 -2.18 0.91
C ARG A 12 9.08 -1.32 0.19
N ARG A 13 10.26 -1.21 0.75
CA ARG A 13 11.32 -0.40 0.11
C ARG A 13 11.62 -0.90 -1.29
N VAL A 14 11.91 0.07 -2.15
CA VAL A 14 12.23 -0.17 -3.56
C VAL A 14 12.36 1.15 -4.34
N CYS A 15 13.36 1.95 -4.00
CA CYS A 15 13.55 3.24 -4.69
C CYS A 15 12.53 4.25 -4.19
N ARG A 16 11.52 3.75 -3.50
CA ARG A 16 10.45 4.61 -2.97
C ARG A 16 9.29 3.77 -2.48
N ASN A 17 9.56 2.87 -1.57
CA ASN A 17 8.52 2.04 -1.06
C ASN A 17 7.78 1.35 -2.22
N THR A 18 7.05 0.31 -1.87
CA THR A 18 6.26 -0.49 -2.83
C THR A 18 4.82 -0.43 -2.43
N CYS A 19 3.93 -0.83 -3.36
CA CYS A 19 2.50 -0.79 -3.11
C CYS A 19 1.97 -2.20 -2.88
N SER A 20 1.61 -2.49 -1.62
CA SER A 20 1.09 -3.80 -1.27
C SER A 20 0.00 -3.68 -0.21
N CYS A 21 -1.25 -3.94 -0.61
CA CYS A 21 -2.37 -3.92 0.33
C CYS A 21 -2.94 -5.32 0.34
N ILE A 22 -3.00 -5.93 1.51
CA ILE A 22 -3.51 -7.31 1.61
C ILE A 22 -4.05 -7.56 3.01
N ARG A 23 -5.04 -8.43 3.11
CA ARG A 23 -5.62 -8.75 4.40
C ARG A 23 -4.72 -9.67 5.20
N LEU A 24 -3.80 -10.31 4.50
CA LEU A 24 -2.88 -11.24 5.15
C LEU A 24 -1.47 -10.65 5.23
N SER A 25 -0.95 -10.57 6.45
CA SER A 25 0.40 -10.02 6.66
C SER A 25 1.45 -10.90 6.01
N ARG A 26 1.26 -12.21 6.10
CA ARG A 26 2.21 -13.15 5.52
C ARG A 26 2.25 -13.01 4.00
N SER A 27 3.44 -13.17 3.43
CA SER A 27 3.60 -13.05 1.99
C SER A 27 3.11 -11.69 1.51
N THR A 28 4.06 -10.78 1.30
CA THR A 28 3.75 -9.44 0.83
C THR A 28 4.23 -9.26 -0.60
N TYR A 29 5.25 -10.02 -0.98
CA TYR A 29 5.79 -9.95 -2.33
C TYR A 29 6.58 -11.21 -2.67
N ALA A 30 7.84 -11.23 -2.22
CA ALA A 30 8.71 -12.38 -2.49
C ALA A 30 8.14 -13.64 -1.89
N SER A 31 8.32 -14.75 -2.60
CA SER A 31 7.82 -16.04 -2.13
C SER A 31 8.89 -17.12 -2.27
N LEU B 1 7.47 -3.51 7.72
CA LEU B 1 6.63 -4.08 6.68
C LEU B 1 5.21 -3.54 6.79
N ARG B 2 5.05 -2.46 7.54
CA ARG B 2 3.74 -1.85 7.72
C ARG B 2 3.83 -0.33 7.53
N VAL B 3 3.12 0.18 6.52
CA VAL B 3 3.14 1.62 6.26
C VAL B 3 2.06 2.33 7.07
N ARG B 4 1.04 1.57 7.45
CA ARG B 4 -0.08 2.13 8.23
C ARG B 4 -0.91 1.01 8.84
N ARG B 5 -2.15 1.34 9.15
CA ARG B 5 -3.06 0.37 9.77
C ARG B 5 -3.89 -0.39 8.72
N THR B 6 -5.20 -0.20 8.77
CA THR B 6 -6.10 -0.90 7.86
C THR B 6 -6.98 0.07 7.07
N LEU B 7 -7.82 0.80 7.79
CA LEU B 7 -8.74 1.78 7.21
C LEU B 7 -8.97 1.56 5.71
N GLN B 8 -8.22 2.29 4.88
CA GLN B 8 -8.35 2.16 3.44
C GLN B 8 -6.98 2.25 2.82
N CYS B 9 -6.76 1.49 1.76
CA CYS B 9 -5.47 1.47 1.10
C CYS B 9 -5.58 1.95 -0.33
N SER B 10 -4.63 2.77 -0.75
CA SER B 10 -4.63 3.31 -2.10
C SER B 10 -3.28 3.05 -2.75
N CYS B 11 -3.25 3.02 -4.08
CA CYS B 11 -2.02 2.77 -4.81
C CYS B 11 -1.68 3.93 -5.71
N ARG B 12 -0.38 4.07 -6.02
CA ARG B 12 0.08 5.14 -6.89
C ARG B 12 1.44 4.79 -7.48
N ARG B 13 1.62 5.04 -8.77
CA ARG B 13 2.88 4.75 -9.44
C ARG B 13 4.03 5.54 -8.84
N VAL B 14 5.19 4.91 -8.82
CA VAL B 14 6.39 5.52 -8.28
C VAL B 14 7.61 4.62 -8.51
N CYS B 15 7.96 4.38 -9.76
CA CYS B 15 9.10 3.51 -10.10
C CYS B 15 8.84 2.09 -9.65
N ARG B 16 7.72 1.88 -8.99
CA ARG B 16 7.38 0.54 -8.52
C ARG B 16 6.04 0.51 -7.84
N ASN B 17 5.43 1.66 -7.81
CA ASN B 17 4.14 1.79 -7.17
C ASN B 17 4.24 1.77 -5.65
N THR B 18 3.52 2.69 -5.04
CA THR B 18 3.45 2.81 -3.57
C THR B 18 2.04 2.70 -3.07
N CYS B 19 1.94 2.47 -1.78
CA CYS B 19 0.68 2.32 -1.15
C CYS B 19 0.43 3.46 -0.18
N SER B 20 -0.72 4.07 -0.33
CA SER B 20 -1.12 5.16 0.54
C SER B 20 -2.38 4.74 1.27
N CYS B 21 -2.36 4.82 2.60
CA CYS B 21 -3.52 4.41 3.38
C CYS B 21 -4.06 5.61 4.13
N ILE B 22 -5.36 5.84 4.00
CA ILE B 22 -5.99 6.97 4.67
C ILE B 22 -7.48 6.75 4.88
N ARG B 23 -8.04 7.44 5.86
CA ARG B 23 -9.47 7.31 6.16
C ARG B 23 -10.30 8.12 5.17
N LEU B 24 -9.64 8.69 4.18
CA LEU B 24 -10.33 9.50 3.18
C LEU B 24 -10.51 8.73 1.88
N SER B 25 -11.44 9.18 1.04
CA SER B 25 -11.70 8.51 -0.22
C SER B 25 -10.46 8.54 -1.10
N ARG B 26 -9.73 9.65 -1.06
CA ARG B 26 -8.51 9.80 -1.85
C ARG B 26 -7.69 10.97 -1.34
N SER B 27 -6.37 10.86 -1.45
CA SER B 27 -5.46 11.91 -1.02
C SER B 27 -4.04 11.37 -0.82
N THR B 28 -3.18 11.67 -1.77
CA THR B 28 -1.80 11.20 -1.69
C THR B 28 -0.92 11.95 -2.68
N TYR B 29 -0.76 11.38 -3.87
CA TYR B 29 0.06 12.00 -4.91
C TYR B 29 -0.46 13.38 -5.27
N ALA B 30 -1.77 13.46 -5.52
CA ALA B 30 -2.37 14.73 -5.89
C ALA B 30 -2.20 15.74 -4.76
N SER B 31 -2.36 15.28 -3.53
CA SER B 31 -2.24 16.16 -2.37
C SER B 31 -3.03 17.45 -2.58
N LEU A 1 -5.14 -10.11 -5.94
CA LEU A 1 -4.05 -9.72 -6.83
C LEU A 1 -4.17 -8.25 -7.20
N ARG A 2 -3.16 -7.72 -7.89
CA ARG A 2 -3.18 -6.32 -8.30
C ARG A 2 -3.36 -5.41 -7.10
N VAL A 3 -2.70 -5.76 -5.99
CA VAL A 3 -2.80 -4.97 -4.77
C VAL A 3 -4.24 -4.49 -4.54
N ARG A 4 -4.99 -5.27 -3.76
CA ARG A 4 -6.38 -4.94 -3.46
C ARG A 4 -6.46 -3.93 -2.33
N ARG A 5 -7.65 -3.82 -1.75
CA ARG A 5 -7.88 -2.89 -0.66
C ARG A 5 -9.09 -3.29 0.15
N THR A 6 -9.24 -2.66 1.32
CA THR A 6 -10.35 -2.92 2.23
C THR A 6 -10.07 -4.14 3.07
N LEU A 7 -8.85 -4.21 3.57
CA LEU A 7 -8.44 -5.35 4.38
C LEU A 7 -7.19 -5.04 5.22
N GLN A 8 -6.04 -5.50 4.73
CA GLN A 8 -4.78 -5.28 5.41
C GLN A 8 -3.82 -4.65 4.43
N CYS A 9 -3.06 -3.69 4.92
CA CYS A 9 -2.12 -2.98 4.07
C CYS A 9 -0.68 -3.17 4.54
N SER A 10 0.15 -3.59 3.60
CA SER A 10 1.56 -3.81 3.87
C SER A 10 2.38 -3.14 2.78
N CYS A 11 3.57 -2.68 3.13
CA CYS A 11 4.43 -2.01 2.17
C CYS A 11 5.88 -2.45 2.37
N ARG A 12 6.70 -2.26 1.34
CA ARG A 12 8.12 -2.66 1.47
C ARG A 12 9.00 -1.77 0.60
N ARG A 13 10.20 -1.45 1.10
CA ARG A 13 11.14 -0.60 0.36
C ARG A 13 11.36 -1.11 -1.06
N VAL A 14 11.62 -0.14 -1.95
CA VAL A 14 11.86 -0.42 -3.38
C VAL A 14 11.95 0.89 -4.19
N CYS A 15 12.94 1.72 -3.91
CA CYS A 15 13.07 2.98 -4.63
C CYS A 15 12.03 3.98 -4.16
N ARG A 16 10.99 3.45 -3.52
CA ARG A 16 9.90 4.29 -3.01
C ARG A 16 8.83 3.44 -2.35
N ASN A 17 9.24 2.40 -1.70
CA ASN A 17 8.29 1.54 -1.07
C ASN A 17 7.32 0.96 -2.10
N THR A 18 6.82 -0.22 -1.79
CA THR A 18 5.86 -0.91 -2.65
C THR A 18 4.56 -1.03 -1.91
N CYS A 19 3.50 -1.23 -2.67
CA CYS A 19 2.17 -1.32 -2.10
C CYS A 19 1.58 -2.71 -2.26
N SER A 20 1.17 -3.28 -1.14
CA SER A 20 0.59 -4.60 -1.13
C SER A 20 -0.45 -4.70 -0.04
N CYS A 21 -1.71 -4.92 -0.43
CA CYS A 21 -2.78 -5.07 0.54
C CYS A 21 -3.37 -6.47 0.40
N ILE A 22 -3.37 -7.21 1.50
CA ILE A 22 -3.87 -8.58 1.48
C ILE A 22 -4.36 -9.00 2.87
N ARG A 23 -5.21 -10.01 2.90
CA ARG A 23 -5.75 -10.50 4.17
C ARG A 23 -4.71 -11.36 4.89
N LEU A 24 -3.60 -11.59 4.22
CA LEU A 24 -2.53 -12.42 4.80
C LEU A 24 -1.67 -11.60 5.77
N SER A 25 -1.20 -12.27 6.82
CA SER A 25 -0.36 -11.59 7.82
C SER A 25 1.11 -11.91 7.59
N ARG A 26 1.41 -12.58 6.47
CA ARG A 26 2.79 -12.95 6.16
C ARG A 26 3.01 -12.95 4.65
N SER A 27 4.29 -12.86 4.25
CA SER A 27 4.64 -12.86 2.83
C SER A 27 3.88 -11.79 2.07
N THR A 28 4.33 -10.55 2.22
CA THR A 28 3.70 -9.42 1.55
C THR A 28 3.99 -9.45 0.05
N TYR A 29 5.23 -9.78 -0.31
CA TYR A 29 5.63 -9.84 -1.71
C TYR A 29 6.88 -10.70 -1.89
N ALA A 30 6.84 -11.59 -2.88
CA ALA A 30 7.97 -12.47 -3.14
C ALA A 30 8.06 -12.80 -4.62
N SER A 31 9.27 -13.08 -5.10
CA SER A 31 9.48 -13.41 -6.50
C SER A 31 9.34 -12.17 -7.37
N LEU B 1 5.07 8.44 6.10
CA LEU B 1 4.29 8.56 4.87
C LEU B 1 2.80 8.41 5.17
N ARG B 2 2.45 8.44 6.45
CA ARG B 2 1.06 8.32 6.86
C ARG B 2 0.46 7.03 6.30
N VAL B 3 1.19 5.94 6.44
CA VAL B 3 0.72 4.63 5.96
C VAL B 3 0.44 3.70 7.13
N ARG B 4 -0.81 3.23 7.20
CA ARG B 4 -1.23 2.33 8.28
C ARG B 4 -1.99 1.13 7.72
N ARG B 5 -2.55 0.32 8.60
CA ARG B 5 -3.28 -0.85 8.18
C ARG B 5 -4.57 -1.01 8.97
N THR B 6 -5.51 -1.78 8.42
CA THR B 6 -6.80 -2.02 9.06
C THR B 6 -7.75 -0.90 8.71
N LEU B 7 -7.46 -0.21 7.62
CA LEU B 7 -8.29 0.90 7.18
C LEU B 7 -8.52 0.89 5.67
N GLN B 8 -7.87 1.82 4.95
CA GLN B 8 -8.01 1.91 3.51
C GLN B 8 -6.62 1.82 2.89
N CYS B 9 -6.54 1.06 1.83
CA CYS B 9 -5.26 0.84 1.17
C CYS B 9 -5.29 1.36 -0.26
N SER B 10 -4.31 2.19 -0.61
CA SER B 10 -4.23 2.73 -1.94
C SER B 10 -2.79 2.76 -2.41
N CYS B 11 -2.58 2.77 -3.72
CA CYS B 11 -1.22 2.80 -4.25
C CYS B 11 -1.13 3.75 -5.44
N ARG B 12 0.08 4.19 -5.77
CA ARG B 12 0.25 5.11 -6.92
C ARG B 12 1.59 4.86 -7.60
N ARG B 13 1.61 4.88 -8.93
CA ARG B 13 2.85 4.66 -9.69
C ARG B 13 3.98 5.51 -9.19
N VAL B 14 5.19 4.97 -9.35
CA VAL B 14 6.43 5.64 -8.93
C VAL B 14 7.64 4.68 -9.03
N CYS B 15 7.98 4.26 -10.23
CA CYS B 15 9.11 3.33 -10.42
C CYS B 15 8.76 1.95 -9.91
N ARG B 16 7.69 1.88 -9.13
CA ARG B 16 7.24 0.60 -8.56
C ARG B 16 6.07 0.81 -7.64
N ASN B 17 5.23 1.75 -7.99
CA ASN B 17 4.10 2.04 -7.19
C ASN B 17 4.52 2.40 -5.76
N THR B 18 3.70 3.23 -5.14
CA THR B 18 3.93 3.67 -3.76
C THR B 18 2.81 3.14 -2.92
N CYS B 19 3.04 3.11 -1.61
CA CYS B 19 2.08 2.59 -0.67
C CYS B 19 1.50 3.70 0.18
N SER B 20 0.19 3.90 0.01
CA SER B 20 -0.53 4.91 0.75
C SER B 20 -1.79 4.30 1.33
N CYS B 21 -1.80 4.12 2.64
CA CYS B 21 -2.97 3.56 3.31
C CYS B 21 -3.42 4.55 4.38
N ILE B 22 -4.70 4.91 4.33
CA ILE B 22 -5.25 5.89 5.26
C ILE B 22 -6.75 5.69 5.46
N ARG B 23 -7.32 6.44 6.40
CA ARG B 23 -8.75 6.31 6.71
C ARG B 23 -9.54 7.28 5.84
N LEU B 24 -8.81 7.99 4.98
CA LEU B 24 -9.44 8.96 4.08
C LEU B 24 -9.77 8.32 2.75
N SER B 25 -10.53 9.03 1.92
CA SER B 25 -10.93 8.52 0.61
C SER B 25 -9.70 8.24 -0.25
N ARG B 26 -8.74 9.15 -0.24
CA ARG B 26 -7.52 9.00 -1.03
C ARG B 26 -6.59 10.18 -0.85
N SER B 27 -6.31 10.51 0.40
CA SER B 27 -5.42 11.64 0.69
C SER B 27 -4.04 11.14 1.13
N THR B 28 -3.02 11.55 0.39
CA THR B 28 -1.66 11.14 0.71
C THR B 28 -0.65 12.14 0.14
N TYR B 29 -0.10 11.82 -1.04
CA TYR B 29 0.87 12.69 -1.68
C TYR B 29 0.52 12.91 -3.14
N ALA B 30 0.47 14.17 -3.55
CA ALA B 30 0.13 14.50 -4.93
C ALA B 30 0.85 15.79 -5.36
N SER B 31 1.10 15.91 -6.65
CA SER B 31 1.77 17.09 -7.18
C SER B 31 3.21 17.15 -6.68
N LEU A 1 -4.08 -6.78 -10.27
CA LEU A 1 -3.21 -6.56 -9.12
C LEU A 1 -4.01 -6.04 -7.93
N ARG A 2 -4.10 -6.86 -6.88
CA ARG A 2 -4.86 -6.49 -5.69
C ARG A 2 -3.96 -5.76 -4.70
N VAL A 3 -2.89 -5.15 -5.21
CA VAL A 3 -1.96 -4.42 -4.36
C VAL A 3 -2.65 -3.23 -3.70
N ARG A 4 -3.87 -2.94 -4.16
CA ARG A 4 -4.64 -1.83 -3.62
C ARG A 4 -6.05 -2.29 -3.22
N ARG A 5 -6.35 -2.20 -1.93
CA ARG A 5 -7.65 -2.62 -1.40
C ARG A 5 -7.92 -1.93 -0.06
N THR A 6 -8.39 -2.70 0.92
CA THR A 6 -8.71 -2.15 2.25
C THR A 6 -8.11 -3.04 3.35
N LEU A 7 -8.76 -4.18 3.58
CA LEU A 7 -8.34 -5.19 4.58
C LEU A 7 -7.19 -4.72 5.48
N GLN A 8 -5.96 -4.99 5.04
CA GLN A 8 -4.78 -4.59 5.79
C GLN A 8 -3.84 -3.91 4.83
N CYS A 9 -3.27 -2.83 5.29
CA CYS A 9 -2.37 -2.05 4.47
C CYS A 9 -0.97 -2.00 5.02
N SER A 10 -0.01 -2.48 4.23
CA SER A 10 1.38 -2.49 4.63
C SER A 10 2.24 -1.91 3.51
N CYS A 11 3.31 -1.23 3.88
CA CYS A 11 4.21 -0.63 2.90
C CYS A 11 5.65 -1.07 3.17
N ARG A 12 6.50 -1.02 2.14
CA ARG A 12 7.89 -1.43 2.30
C ARG A 12 8.79 -0.69 1.31
N ARG A 13 10.08 -0.65 1.60
CA ARG A 13 11.03 0.03 0.73
C ARG A 13 11.51 -0.88 -0.40
N VAL A 14 12.01 -0.26 -1.46
CA VAL A 14 12.48 -1.01 -2.61
C VAL A 14 13.18 -0.11 -3.61
N CYS A 15 12.86 1.16 -3.52
CA CYS A 15 13.42 2.15 -4.43
C CYS A 15 12.67 3.44 -4.33
N ARG A 16 11.50 3.36 -3.73
CA ARG A 16 10.65 4.53 -3.62
C ARG A 16 9.36 4.19 -2.88
N ASN A 17 9.45 3.26 -1.97
CA ASN A 17 8.29 2.84 -1.23
C ASN A 17 7.44 1.93 -2.10
N THR A 18 7.05 0.80 -1.53
CA THR A 18 6.21 -0.17 -2.22
C THR A 18 4.90 -0.32 -1.48
N CYS A 19 3.89 -0.81 -2.19
CA CYS A 19 2.56 -0.97 -1.64
C CYS A 19 2.14 -2.42 -1.57
N SER A 20 1.61 -2.81 -0.42
CA SER A 20 1.14 -4.17 -0.23
C SER A 20 -0.06 -4.19 0.70
N CYS A 21 -1.21 -4.61 0.17
CA CYS A 21 -2.42 -4.70 0.99
C CYS A 21 -2.84 -6.16 1.01
N ILE A 22 -2.89 -6.74 2.20
CA ILE A 22 -3.25 -8.16 2.33
C ILE A 22 -3.82 -8.46 3.72
N ARG A 23 -4.68 -9.46 3.80
CA ARG A 23 -5.28 -9.83 5.08
C ARG A 23 -4.40 -10.83 5.83
N LEU A 24 -3.32 -11.24 5.19
CA LEU A 24 -2.39 -12.20 5.81
C LEU A 24 -0.95 -11.69 5.71
N SER A 25 -0.18 -11.93 6.76
CA SER A 25 1.22 -11.49 6.80
C SER A 25 2.03 -12.25 5.76
N ARG A 26 1.54 -13.41 5.36
CA ARG A 26 2.23 -14.24 4.38
C ARG A 26 2.21 -13.56 3.00
N SER A 27 3.29 -13.72 2.25
CA SER A 27 3.38 -13.14 0.92
C SER A 27 3.09 -11.65 0.97
N THR A 28 3.94 -10.93 1.67
CA THR A 28 3.78 -9.49 1.79
C THR A 28 3.95 -8.81 0.44
N TYR A 29 4.71 -9.45 -0.45
CA TYR A 29 4.94 -8.89 -1.78
C TYR A 29 5.10 -10.00 -2.81
N ALA A 30 4.91 -9.66 -4.08
CA ALA A 30 5.03 -10.64 -5.15
C ALA A 30 6.46 -11.18 -5.23
N SER A 31 6.59 -12.47 -5.53
CA SER A 31 7.91 -13.09 -5.63
C SER A 31 8.89 -12.15 -6.31
N LEU B 1 7.97 1.86 8.48
CA LEU B 1 7.55 0.50 8.16
C LEU B 1 6.27 0.51 7.35
N ARG B 2 5.22 1.09 7.91
CA ARG B 2 3.93 1.16 7.23
C ARG B 2 3.43 2.60 7.16
N VAL B 3 2.93 3.00 5.99
CA VAL B 3 2.42 4.35 5.82
C VAL B 3 1.24 4.60 6.74
N ARG B 4 0.37 3.61 6.86
CA ARG B 4 -0.81 3.73 7.73
C ARG B 4 -1.15 2.37 8.35
N ARG B 5 -2.42 2.21 8.69
CA ARG B 5 -2.89 0.97 9.32
C ARG B 5 -3.61 0.04 8.34
N THR B 6 -4.93 0.13 8.34
CA THR B 6 -5.76 -0.73 7.49
C THR B 6 -6.72 0.08 6.63
N LEU B 7 -7.69 0.72 7.29
CA LEU B 7 -8.70 1.56 6.63
C LEU B 7 -8.84 1.29 5.14
N GLN B 8 -8.33 2.21 4.31
CA GLN B 8 -8.37 2.07 2.86
C GLN B 8 -6.96 2.00 2.35
N CYS B 9 -6.73 1.11 1.42
CA CYS B 9 -5.40 0.91 0.88
C CYS B 9 -5.35 1.23 -0.60
N SER B 10 -4.54 2.23 -0.94
CA SER B 10 -4.39 2.63 -2.32
C SER B 10 -2.91 2.69 -2.68
N CYS B 11 -2.58 2.44 -3.94
CA CYS B 11 -1.18 2.48 -4.37
C CYS B 11 -1.05 3.27 -5.69
N ARG B 12 0.14 3.80 -5.95
CA ARG B 12 0.39 4.55 -7.18
C ARG B 12 1.77 4.26 -7.73
N ARG B 13 1.85 4.18 -9.06
CA ARG B 13 3.13 3.90 -9.72
C ARG B 13 4.19 4.88 -9.28
N VAL B 14 5.39 4.34 -9.14
CA VAL B 14 6.56 5.11 -8.70
C VAL B 14 7.82 4.25 -8.66
N CYS B 15 8.23 3.70 -9.79
CA CYS B 15 9.42 2.85 -9.83
C CYS B 15 9.12 1.49 -9.21
N ARG B 16 8.00 1.43 -8.51
CA ARG B 16 7.58 0.20 -7.85
C ARG B 16 6.30 0.42 -7.06
N ASN B 17 5.43 1.24 -7.57
CA ASN B 17 4.21 1.52 -6.88
C ASN B 17 4.50 2.15 -5.52
N THR B 18 3.60 3.01 -5.08
CA THR B 18 3.72 3.72 -3.79
C THR B 18 2.62 3.25 -2.90
N CYS B 19 2.77 3.49 -1.61
CA CYS B 19 1.80 3.06 -0.64
C CYS B 19 1.07 4.26 -0.03
N SER B 20 -0.21 4.34 -0.35
CA SER B 20 -1.04 5.41 0.16
C SER B 20 -2.32 4.82 0.73
N CYS B 21 -2.43 4.84 2.05
CA CYS B 21 -3.61 4.32 2.70
C CYS B 21 -4.26 5.45 3.49
N ILE B 22 -5.55 5.62 3.32
CA ILE B 22 -6.28 6.72 3.98
C ILE B 22 -7.78 6.45 4.05
N ARG B 23 -8.50 7.27 4.81
CA ARG B 23 -9.95 7.10 4.93
C ARG B 23 -10.68 7.93 3.87
N LEU B 24 -9.90 8.56 3.00
CA LEU B 24 -10.49 9.39 1.95
C LEU B 24 -10.61 8.61 0.64
N SER B 25 -11.66 8.91 -0.13
CA SER B 25 -11.87 8.23 -1.39
C SER B 25 -10.70 8.50 -2.34
N ARG B 26 -10.21 9.73 -2.34
CA ARG B 26 -9.10 10.11 -3.20
C ARG B 26 -7.80 9.47 -2.70
N SER B 27 -6.88 9.21 -3.63
CA SER B 27 -5.61 8.59 -3.28
C SER B 27 -4.82 9.48 -2.32
N THR B 28 -4.82 10.77 -2.62
CA THR B 28 -4.11 11.74 -1.77
C THR B 28 -2.61 11.46 -1.80
N TYR B 29 -2.03 11.49 -2.99
CA TYR B 29 -0.60 11.24 -3.14
C TYR B 29 0.21 12.25 -2.34
N ALA B 30 1.20 11.75 -1.60
CA ALA B 30 2.04 12.62 -0.79
C ALA B 30 1.21 13.31 0.30
N SER B 31 0.34 12.55 0.94
CA SER B 31 -0.51 13.09 1.99
C SER B 31 0.34 13.62 3.14
N LEU A 1 -6.06 -11.58 -5.00
CA LEU A 1 -5.09 -10.89 -4.15
C LEU A 1 -4.84 -9.47 -4.67
N ARG A 2 -5.86 -8.62 -4.55
CA ARG A 2 -5.74 -7.24 -5.01
C ARG A 2 -4.78 -6.46 -4.11
N VAL A 3 -4.01 -5.57 -4.72
CA VAL A 3 -3.05 -4.76 -3.97
C VAL A 3 -3.72 -3.50 -3.42
N ARG A 4 -5.05 -3.51 -3.40
CA ARG A 4 -5.80 -2.37 -2.90
C ARG A 4 -6.79 -2.82 -1.85
N ARG A 5 -8.04 -2.38 -2.01
CA ARG A 5 -9.12 -2.73 -1.10
C ARG A 5 -8.86 -2.16 0.29
N THR A 6 -9.13 -2.97 1.31
CA THR A 6 -8.93 -2.52 2.70
C THR A 6 -8.20 -3.57 3.52
N LEU A 7 -8.92 -4.64 3.87
CA LEU A 7 -8.36 -5.75 4.66
C LEU A 7 -7.09 -5.33 5.41
N GLN A 8 -5.94 -5.71 4.87
CA GLN A 8 -4.67 -5.37 5.49
C GLN A 8 -3.81 -4.64 4.49
N CYS A 9 -3.18 -3.59 4.97
CA CYS A 9 -2.34 -2.75 4.13
C CYS A 9 -0.92 -2.63 4.65
N SER A 10 0.03 -2.96 3.79
CA SER A 10 1.44 -2.88 4.16
C SER A 10 2.27 -2.35 2.99
N CYS A 11 3.36 -1.66 3.32
CA CYS A 11 4.21 -1.10 2.29
C CYS A 11 5.68 -1.37 2.62
N ARG A 12 6.52 -1.34 1.58
CA ARG A 12 7.96 -1.57 1.79
C ARG A 12 8.79 -0.74 0.82
N ARG A 13 10.02 -0.39 1.21
CA ARG A 13 10.88 0.42 0.36
C ARG A 13 11.02 -0.21 -1.00
N VAL A 14 11.21 0.65 -1.99
CA VAL A 14 11.37 0.24 -3.39
C VAL A 14 11.54 1.45 -4.30
N CYS A 15 12.40 2.37 -3.92
CA CYS A 15 12.62 3.57 -4.73
C CYS A 15 11.56 4.59 -4.43
N ARG A 16 10.52 4.14 -3.77
CA ARG A 16 9.40 5.02 -3.43
C ARG A 16 8.34 4.32 -2.62
N ASN A 17 8.71 3.21 -2.05
CA ASN A 17 7.80 2.41 -1.28
C ASN A 17 6.92 1.57 -2.21
N THR A 18 6.59 0.37 -1.77
CA THR A 18 5.76 -0.55 -2.57
C THR A 18 4.45 -0.76 -1.87
N CYS A 19 3.43 -1.12 -2.65
CA CYS A 19 2.09 -1.31 -2.12
C CYS A 19 1.70 -2.78 -2.14
N SER A 20 1.32 -3.27 -0.95
CA SER A 20 0.91 -4.65 -0.81
C SER A 20 -0.18 -4.75 0.25
N CYS A 21 -1.41 -5.00 -0.19
CA CYS A 21 -2.54 -5.15 0.72
C CYS A 21 -3.13 -6.53 0.54
N ILE A 22 -3.22 -7.28 1.63
CA ILE A 22 -3.74 -8.64 1.57
C ILE A 22 -4.26 -9.11 2.93
N ARG A 23 -5.14 -10.10 2.91
CA ARG A 23 -5.69 -10.63 4.14
C ARG A 23 -4.83 -11.76 4.69
N LEU A 24 -4.05 -12.35 3.81
CA LEU A 24 -3.16 -13.45 4.17
C LEU A 24 -1.86 -13.39 3.35
N SER A 25 -1.25 -14.55 3.16
CA SER A 25 -0.01 -14.63 2.42
C SER A 25 1.04 -13.75 3.05
N ARG A 26 1.06 -13.74 4.38
CA ARG A 26 2.04 -12.93 5.11
C ARG A 26 3.41 -13.00 4.44
N SER A 27 4.17 -11.92 4.54
CA SER A 27 5.51 -11.88 3.94
C SER A 27 5.42 -12.18 2.44
N THR A 28 4.39 -11.64 1.80
CA THR A 28 4.18 -11.86 0.37
C THR A 28 5.42 -11.43 -0.41
N TYR A 29 6.03 -10.33 0.01
CA TYR A 29 7.22 -9.84 -0.67
C TYR A 29 8.31 -10.91 -0.70
N ALA A 30 8.53 -11.55 0.45
CA ALA A 30 9.56 -12.59 0.52
C ALA A 30 9.16 -13.80 -0.32
N SER A 31 10.14 -14.43 -0.95
CA SER A 31 9.88 -15.61 -1.78
C SER A 31 9.95 -16.87 -0.93
N LEU B 1 7.73 0.73 4.42
CA LEU B 1 7.72 0.95 5.87
C LEU B 1 6.30 1.15 6.37
N ARG B 2 5.37 0.37 5.83
CA ARG B 2 3.97 0.47 6.24
C ARG B 2 3.53 1.93 6.28
N VAL B 3 2.96 2.39 5.17
CA VAL B 3 2.49 3.77 5.07
C VAL B 3 1.43 4.04 6.14
N ARG B 4 0.56 3.07 6.35
CA ARG B 4 -0.50 3.19 7.34
C ARG B 4 -0.86 1.84 7.92
N ARG B 5 -2.10 1.74 8.41
CA ARG B 5 -2.56 0.50 9.03
C ARG B 5 -3.36 -0.35 8.04
N THR B 6 -4.66 -0.35 8.21
CA THR B 6 -5.53 -1.14 7.34
C THR B 6 -6.52 -0.26 6.60
N LEU B 7 -7.41 0.38 7.35
CA LEU B 7 -8.42 1.29 6.79
C LEU B 7 -8.64 1.04 5.30
N GLN B 8 -8.20 1.98 4.48
CA GLN B 8 -8.35 1.86 3.04
C GLN B 8 -6.98 1.79 2.39
N CYS B 9 -6.89 1.02 1.33
CA CYS B 9 -5.64 0.82 0.63
C CYS B 9 -5.67 1.31 -0.79
N SER B 10 -4.70 2.15 -1.12
CA SER B 10 -4.59 2.69 -2.45
C SER B 10 -3.13 2.73 -2.89
N CYS B 11 -2.89 2.42 -4.15
CA CYS B 11 -1.52 2.42 -4.68
C CYS B 11 -1.44 3.25 -5.95
N ARG B 12 -0.23 3.72 -6.27
CA ARG B 12 -0.03 4.55 -7.48
C ARG B 12 1.37 4.33 -8.06
N ARG B 13 1.55 4.67 -9.32
CA ARG B 13 2.83 4.52 -9.98
C ARG B 13 3.75 5.68 -9.67
N VAL B 14 5.04 5.48 -9.94
CA VAL B 14 6.06 6.51 -9.69
C VAL B 14 7.44 6.05 -10.12
N CYS B 15 7.64 4.76 -10.04
CA CYS B 15 8.93 4.17 -10.41
C CYS B 15 8.96 2.69 -10.13
N ARG B 16 7.97 2.24 -9.39
CA ARG B 16 7.89 0.82 -9.02
C ARG B 16 6.68 0.54 -8.15
N ASN B 17 5.67 1.35 -8.33
CA ASN B 17 4.47 1.22 -7.54
C ASN B 17 4.69 1.87 -6.17
N THR B 18 3.74 2.72 -5.80
CA THR B 18 3.79 3.42 -4.51
C THR B 18 2.63 2.98 -3.64
N CYS B 19 2.79 3.20 -2.33
CA CYS B 19 1.78 2.79 -1.36
C CYS B 19 1.10 3.98 -0.71
N SER B 20 -0.22 3.89 -0.63
CA SER B 20 -1.00 4.94 -0.04
C SER B 20 -2.27 4.35 0.59
N CYS B 21 -2.32 4.33 1.92
CA CYS B 21 -3.47 3.82 2.63
C CYS B 21 -4.03 4.96 3.48
N ILE B 22 -5.32 5.23 3.30
CA ILE B 22 -5.98 6.33 4.01
C ILE B 22 -7.48 6.13 4.12
N ARG B 23 -8.09 6.74 5.13
CA ARG B 23 -9.53 6.60 5.32
C ARG B 23 -10.27 7.82 4.80
N LEU B 24 -9.53 8.70 4.13
CA LEU B 24 -10.13 9.91 3.58
C LEU B 24 -10.39 9.77 2.08
N SER B 25 -11.51 10.33 1.63
CA SER B 25 -11.87 10.26 0.23
C SER B 25 -11.02 11.21 -0.60
N ARG B 26 -10.25 12.06 0.08
CA ARG B 26 -9.40 13.02 -0.60
C ARG B 26 -8.03 13.10 0.08
N SER B 27 -7.07 13.72 -0.60
CA SER B 27 -5.73 13.85 -0.06
C SER B 27 -4.94 12.57 -0.25
N THR B 28 -4.00 12.60 -1.19
CA THR B 28 -3.18 11.43 -1.47
C THR B 28 -1.92 11.83 -2.22
N TYR B 29 -0.81 11.84 -1.49
CA TYR B 29 0.48 12.20 -2.09
C TYR B 29 0.31 13.38 -3.04
N ALA B 30 0.36 14.59 -2.49
CA ALA B 30 0.21 15.80 -3.30
C ALA B 30 1.05 16.94 -2.72
N SER B 31 1.42 17.89 -3.58
CA SER B 31 2.22 19.02 -3.14
C SER B 31 1.74 20.31 -3.81
N LEU A 1 -1.53 -10.88 -8.85
CA LEU A 1 -0.50 -9.86 -8.83
C LEU A 1 -1.09 -8.50 -8.48
N ARG A 2 -2.40 -8.36 -8.70
CA ARG A 2 -3.08 -7.11 -8.40
C ARG A 2 -3.20 -6.92 -6.90
N VAL A 3 -3.26 -5.65 -6.46
CA VAL A 3 -3.38 -5.36 -5.04
C VAL A 3 -4.79 -4.87 -4.72
N ARG A 4 -5.48 -5.61 -3.87
CA ARG A 4 -6.86 -5.27 -3.47
C ARG A 4 -6.85 -4.26 -2.34
N ARG A 5 -8.01 -4.07 -1.72
CA ARG A 5 -8.15 -3.13 -0.63
C ARG A 5 -9.33 -3.48 0.24
N THR A 6 -9.45 -2.80 1.39
CA THR A 6 -10.52 -3.01 2.34
C THR A 6 -10.22 -4.16 3.27
N LEU A 7 -8.96 -4.24 3.67
CA LEU A 7 -8.51 -5.32 4.55
C LEU A 7 -7.24 -4.93 5.31
N GLN A 8 -6.10 -5.44 4.87
CA GLN A 8 -4.82 -5.14 5.48
C GLN A 8 -3.95 -4.46 4.46
N CYS A 9 -3.29 -3.40 4.87
CA CYS A 9 -2.46 -2.61 3.97
C CYS A 9 -1.00 -2.61 4.41
N SER A 10 -0.15 -3.20 3.57
CA SER A 10 1.28 -3.28 3.85
C SER A 10 2.06 -2.60 2.72
N CYS A 11 3.25 -2.10 3.04
CA CYS A 11 4.06 -1.41 2.03
C CYS A 11 5.51 -1.89 2.07
N ARG A 12 6.19 -1.85 0.92
CA ARG A 12 7.59 -2.27 0.85
C ARG A 12 8.39 -1.33 -0.02
N ARG A 13 9.68 -1.25 0.22
CA ARG A 13 10.54 -0.38 -0.58
C ARG A 13 10.69 -0.88 -2.00
N VAL A 14 10.75 0.07 -2.91
CA VAL A 14 10.91 -0.21 -4.34
C VAL A 14 10.98 1.09 -5.16
N CYS A 15 11.98 1.90 -4.88
CA CYS A 15 12.17 3.20 -5.57
C CYS A 15 11.47 4.26 -4.79
N ARG A 16 10.68 3.84 -3.82
CA ARG A 16 9.91 4.76 -2.98
C ARG A 16 9.03 4.00 -2.00
N ASN A 17 8.42 2.97 -2.53
CA ASN A 17 7.50 2.14 -1.76
C ASN A 17 6.69 1.22 -2.68
N THR A 18 6.19 0.10 -2.13
CA THR A 18 5.36 -0.86 -2.90
C THR A 18 4.02 -0.95 -2.25
N CYS A 19 3.02 -1.31 -3.03
CA CYS A 19 1.67 -1.41 -2.53
C CYS A 19 1.23 -2.86 -2.46
N SER A 20 1.06 -3.34 -1.24
CA SER A 20 0.64 -4.72 -1.01
C SER A 20 -0.41 -4.76 0.08
N CYS A 21 -1.63 -5.04 -0.30
CA CYS A 21 -2.73 -5.15 0.65
C CYS A 21 -3.32 -6.54 0.54
N ILE A 22 -3.44 -7.22 1.67
CA ILE A 22 -3.96 -8.60 1.68
C ILE A 22 -4.49 -8.98 3.06
N ARG A 23 -5.22 -10.09 3.12
CA ARG A 23 -5.79 -10.56 4.39
C ARG A 23 -4.85 -11.55 5.05
N LEU A 24 -3.65 -11.67 4.50
CA LEU A 24 -2.66 -12.61 5.05
C LEU A 24 -2.13 -12.12 6.39
N SER A 25 -1.57 -13.03 7.17
CA SER A 25 -1.04 -12.69 8.49
C SER A 25 0.06 -11.63 8.38
N ARG A 26 0.95 -11.81 7.42
CA ARG A 26 2.05 -10.85 7.22
C ARG A 26 2.87 -11.23 6.00
N SER A 27 2.27 -11.98 5.08
CA SER A 27 2.96 -12.39 3.87
C SER A 27 2.76 -11.37 2.77
N THR A 28 3.85 -10.73 2.36
CA THR A 28 3.79 -9.72 1.33
C THR A 28 5.05 -9.76 0.47
N TYR A 29 4.95 -10.35 -0.71
CA TYR A 29 6.08 -10.45 -1.63
C TYR A 29 7.22 -11.17 -0.96
N ALA A 30 7.63 -12.26 -1.57
CA ALA A 30 8.68 -13.05 -1.00
C ALA A 30 9.96 -12.24 -0.90
N SER A 31 10.68 -12.40 0.20
CA SER A 31 11.92 -11.67 0.41
C SER A 31 12.98 -12.11 -0.61
N LEU B 1 7.60 -1.92 8.41
CA LEU B 1 7.41 -0.57 7.87
C LEU B 1 6.19 -0.53 6.97
N ARG B 2 5.17 0.19 7.40
CA ARG B 2 3.94 0.32 6.62
C ARG B 2 3.53 1.78 6.50
N VAL B 3 2.98 2.16 5.34
CA VAL B 3 2.55 3.52 5.12
C VAL B 3 1.41 3.88 6.06
N ARG B 4 0.77 2.86 6.61
CA ARG B 4 -0.34 3.06 7.54
C ARG B 4 -0.86 1.70 8.06
N ARG B 5 -2.06 1.73 8.66
CA ARG B 5 -2.64 0.51 9.22
C ARG B 5 -3.47 -0.27 8.19
N THR B 6 -4.77 -0.36 8.45
CA THR B 6 -5.69 -1.13 7.58
C THR B 6 -6.66 -0.22 6.84
N LEU B 7 -7.45 0.51 7.62
CA LEU B 7 -8.45 1.46 7.10
C LEU B 7 -8.79 1.26 5.62
N GLN B 8 -8.11 2.01 4.75
CA GLN B 8 -8.35 1.91 3.33
C GLN B 8 -7.00 1.86 2.64
N CYS B 9 -6.93 1.04 1.62
CA CYS B 9 -5.68 0.83 0.90
C CYS B 9 -5.75 1.31 -0.53
N SER B 10 -4.68 1.95 -0.95
CA SER B 10 -4.61 2.43 -2.31
C SER B 10 -3.16 2.42 -2.79
N CYS B 11 -2.99 2.44 -4.12
CA CYS B 11 -1.66 2.42 -4.70
C CYS B 11 -1.50 3.59 -5.68
N ARG B 12 -0.26 4.06 -5.83
CA ARG B 12 0.03 5.20 -6.73
C ARG B 12 1.35 4.98 -7.45
N ARG B 13 1.57 5.74 -8.51
CA ARG B 13 2.78 5.60 -9.30
C ARG B 13 3.81 6.67 -8.95
N VAL B 14 5.07 6.39 -9.28
CA VAL B 14 6.15 7.32 -9.01
C VAL B 14 7.44 6.87 -9.67
N CYS B 15 7.58 5.58 -9.77
CA CYS B 15 8.75 4.99 -10.38
C CYS B 15 8.70 3.49 -10.33
N ARG B 16 7.72 3.00 -9.59
CA ARG B 16 7.57 1.56 -9.43
C ARG B 16 6.41 1.25 -8.51
N ASN B 17 5.37 2.03 -8.61
CA ASN B 17 4.22 1.83 -7.76
C ASN B 17 4.57 2.21 -6.34
N THR B 18 3.69 2.98 -5.73
CA THR B 18 3.85 3.46 -4.35
C THR B 18 2.70 2.97 -3.48
N CYS B 19 2.89 3.10 -2.17
CA CYS B 19 1.90 2.62 -1.21
C CYS B 19 1.24 3.78 -0.49
N SER B 20 -0.08 3.72 -0.42
CA SER B 20 -0.84 4.76 0.27
C SER B 20 -2.12 4.19 0.84
N CYS B 21 -2.21 4.15 2.17
CA CYS B 21 -3.41 3.66 2.83
C CYS B 21 -3.96 4.83 3.65
N ILE B 22 -5.23 5.17 3.41
CA ILE B 22 -5.85 6.29 4.11
C ILE B 22 -7.36 6.12 4.18
N ARG B 23 -7.97 6.70 5.20
CA ARG B 23 -9.41 6.60 5.37
C ARG B 23 -10.11 7.84 4.81
N LEU B 24 -9.31 8.75 4.24
CA LEU B 24 -9.85 9.98 3.67
C LEU B 24 -9.37 10.17 2.23
N SER B 25 -10.13 10.93 1.45
CA SER B 25 -9.79 11.19 0.06
C SER B 25 -8.51 12.02 -0.04
N ARG B 26 -7.83 12.21 1.09
CA ARG B 26 -6.60 12.98 1.12
C ARG B 26 -5.55 12.36 0.21
N SER B 27 -5.62 11.05 0.01
CA SER B 27 -4.69 10.35 -0.85
C SER B 27 -3.24 10.63 -0.42
N THR B 28 -3.09 11.15 0.79
CA THR B 28 -1.77 11.45 1.33
C THR B 28 -1.03 12.44 0.43
N TYR B 29 -0.55 11.94 -0.70
CA TYR B 29 0.19 12.78 -1.65
C TYR B 29 -0.60 12.94 -2.95
N ALA B 30 -0.81 14.19 -3.35
CA ALA B 30 -1.54 14.45 -4.59
C ALA B 30 -1.08 15.76 -5.21
N SER B 31 -1.25 15.88 -6.53
CA SER B 31 -0.84 17.10 -7.23
C SER B 31 -1.87 17.46 -8.30
N LEU A 1 -5.80 -8.69 -8.95
CA LEU A 1 -5.43 -7.92 -10.14
C LEU A 1 -4.71 -6.64 -9.75
N ARG A 2 -5.27 -5.90 -8.79
CA ARG A 2 -4.67 -4.66 -8.34
C ARG A 2 -4.64 -4.58 -6.81
N VAL A 3 -3.70 -3.81 -6.29
CA VAL A 3 -3.57 -3.66 -4.85
C VAL A 3 -4.27 -2.38 -4.38
N ARG A 4 -5.41 -2.55 -3.70
CA ARG A 4 -6.18 -1.41 -3.21
C ARG A 4 -7.48 -1.90 -2.57
N ARG A 5 -7.84 -1.31 -1.43
CA ARG A 5 -9.06 -1.66 -0.69
C ARG A 5 -8.93 -1.23 0.79
N THR A 6 -9.28 -2.11 1.72
CA THR A 6 -9.20 -1.81 3.14
C THR A 6 -8.52 -2.92 3.91
N LEU A 7 -9.16 -4.09 3.88
CA LEU A 7 -8.68 -5.29 4.58
C LEU A 7 -7.38 -5.06 5.36
N GLN A 8 -6.25 -5.38 4.73
CA GLN A 8 -4.97 -5.20 5.38
C GLN A 8 -4.03 -4.52 4.41
N CYS A 9 -3.31 -3.55 4.92
CA CYS A 9 -2.39 -2.77 4.09
C CYS A 9 -0.94 -2.91 4.52
N SER A 10 -0.11 -3.27 3.55
CA SER A 10 1.33 -3.43 3.78
C SER A 10 2.12 -2.85 2.62
N CYS A 11 3.33 -2.39 2.91
CA CYS A 11 4.18 -1.81 1.87
C CYS A 11 5.60 -2.33 2.03
N ARG A 12 6.40 -2.27 0.98
CA ARG A 12 7.78 -2.76 1.06
C ARG A 12 8.69 -1.92 0.17
N ARG A 13 9.94 -1.73 0.60
CA ARG A 13 10.92 -0.93 -0.18
C ARG A 13 11.14 -1.50 -1.56
N VAL A 14 11.41 -0.59 -2.49
CA VAL A 14 11.64 -0.94 -3.90
C VAL A 14 11.78 0.31 -4.77
N CYS A 15 12.87 1.03 -4.62
CA CYS A 15 13.07 2.26 -5.40
C CYS A 15 12.13 3.35 -4.95
N ARG A 16 11.14 2.97 -4.16
CA ARG A 16 10.15 3.94 -3.67
C ARG A 16 9.00 3.24 -2.98
N ASN A 17 9.27 2.05 -2.54
CA ASN A 17 8.28 1.27 -1.88
C ASN A 17 7.21 0.78 -2.84
N THR A 18 6.66 -0.38 -2.49
CA THR A 18 5.59 -1.02 -3.25
C THR A 18 4.35 -1.10 -2.39
N CYS A 19 3.21 -1.32 -3.04
CA CYS A 19 1.93 -1.39 -2.36
C CYS A 19 1.34 -2.78 -2.44
N SER A 20 1.00 -3.30 -1.27
CA SER A 20 0.41 -4.63 -1.20
C SER A 20 -0.62 -4.67 -0.09
N CYS A 21 -1.89 -4.76 -0.48
CA CYS A 21 -2.98 -4.85 0.50
C CYS A 21 -3.67 -6.18 0.29
N ILE A 22 -3.73 -6.96 1.34
CA ILE A 22 -4.32 -8.30 1.27
C ILE A 22 -4.82 -8.76 2.64
N ARG A 23 -5.78 -9.66 2.65
CA ARG A 23 -6.34 -10.16 3.90
C ARG A 23 -5.36 -11.09 4.60
N LEU A 24 -4.25 -11.38 3.93
CA LEU A 24 -3.23 -12.26 4.48
C LEU A 24 -2.20 -11.49 5.32
N SER A 25 -1.40 -12.22 6.08
CA SER A 25 -0.38 -11.60 6.91
C SER A 25 0.79 -12.56 7.13
N ARG A 26 1.47 -12.89 6.05
CA ARG A 26 2.62 -13.81 6.13
C ARG A 26 3.73 -13.41 5.17
N SER A 27 4.10 -12.14 5.23
CA SER A 27 5.17 -11.64 4.37
C SER A 27 4.93 -12.08 2.93
N THR A 28 4.24 -11.23 2.20
CA THR A 28 3.95 -11.53 0.80
C THR A 28 5.23 -11.68 0.00
N TYR A 29 6.28 -10.96 0.40
CA TYR A 29 7.56 -11.05 -0.29
C TYR A 29 8.69 -11.12 0.74
N ALA A 30 9.71 -10.29 0.55
CA ALA A 30 10.85 -10.23 1.44
C ALA A 30 11.85 -9.19 0.96
N SER A 31 12.74 -8.77 1.86
CA SER A 31 13.75 -7.77 1.52
C SER A 31 15.09 -8.12 2.15
N LEU B 1 7.14 -0.98 8.11
CA LEU B 1 7.00 -1.94 7.02
C LEU B 1 5.69 -1.72 6.29
N ARG B 2 4.95 -0.69 6.69
CA ARG B 2 3.68 -0.39 6.04
C ARG B 2 3.31 1.09 6.24
N VAL B 3 2.59 1.64 5.27
CA VAL B 3 2.16 3.03 5.34
C VAL B 3 1.20 3.23 6.50
N ARG B 4 0.29 2.27 6.65
CA ARG B 4 -0.69 2.33 7.72
C ARG B 4 -1.16 0.93 8.11
N ARG B 5 -2.33 0.86 8.72
CA ARG B 5 -2.89 -0.42 9.17
C ARG B 5 -3.84 -1.05 8.17
N THR B 6 -5.11 -0.75 8.31
CA THR B 6 -6.14 -1.32 7.43
C THR B 6 -6.93 -0.24 6.73
N LEU B 7 -7.65 0.54 7.53
CA LEU B 7 -8.49 1.65 7.05
C LEU B 7 -8.76 1.60 5.54
N GLN B 8 -8.06 2.45 4.80
CA GLN B 8 -8.23 2.52 3.36
C GLN B 8 -6.87 2.36 2.70
N CYS B 9 -6.86 1.61 1.61
CA CYS B 9 -5.61 1.34 0.90
C CYS B 9 -5.64 1.86 -0.51
N SER B 10 -4.63 2.66 -0.84
CA SER B 10 -4.52 3.21 -2.17
C SER B 10 -3.08 3.11 -2.66
N CYS B 11 -2.91 2.88 -3.95
CA CYS B 11 -1.56 2.76 -4.50
C CYS B 11 -1.46 3.54 -5.82
N ARG B 12 -0.25 3.94 -6.19
CA ARG B 12 -0.06 4.68 -7.45
C ARG B 12 1.29 4.37 -8.08
N ARG B 13 1.36 4.50 -9.40
CA ARG B 13 2.61 4.22 -10.14
C ARG B 13 3.76 5.05 -9.63
N VAL B 14 4.95 4.43 -9.66
CA VAL B 14 6.18 5.07 -9.19
C VAL B 14 7.40 4.17 -9.41
N CYS B 15 7.59 3.67 -10.61
CA CYS B 15 8.72 2.77 -10.88
C CYS B 15 8.38 1.38 -10.41
N ARG B 16 7.29 1.28 -9.65
CA ARG B 16 6.85 0.00 -9.12
C ARG B 16 5.63 0.14 -8.24
N ASN B 17 4.92 1.20 -8.42
CA ASN B 17 3.75 1.45 -7.61
C ASN B 17 4.16 1.95 -6.23
N THR B 18 3.35 2.81 -5.66
CA THR B 18 3.59 3.37 -4.33
C THR B 18 2.50 2.92 -3.41
N CYS B 19 2.78 2.97 -2.13
CA CYS B 19 1.84 2.53 -1.12
C CYS B 19 1.34 3.69 -0.30
N SER B 20 0.03 3.87 -0.30
CA SER B 20 -0.59 4.94 0.45
C SER B 20 -1.90 4.46 1.06
N CYS B 21 -1.92 4.29 2.38
CA CYS B 21 -3.11 3.87 3.09
C CYS B 21 -3.50 4.96 4.07
N ILE B 22 -4.74 5.41 3.98
CA ILE B 22 -5.21 6.50 4.84
C ILE B 22 -6.73 6.49 4.98
N ARG B 23 -7.25 7.28 5.91
CA ARG B 23 -8.69 7.34 6.12
C ARG B 23 -9.31 8.34 5.16
N LEU B 24 -8.47 8.96 4.36
CA LEU B 24 -8.94 9.96 3.38
C LEU B 24 -9.36 9.31 2.07
N SER B 25 -10.30 9.95 1.38
CA SER B 25 -10.79 9.42 0.11
C SER B 25 -10.39 10.35 -1.04
N ARG B 26 -9.11 10.72 -1.08
CA ARG B 26 -8.62 11.60 -2.13
C ARG B 26 -7.14 11.34 -2.40
N SER B 27 -6.64 11.93 -3.48
CA SER B 27 -5.23 11.74 -3.84
C SER B 27 -4.35 11.83 -2.61
N THR B 28 -3.69 10.73 -2.31
CA THR B 28 -2.82 10.68 -1.14
C THR B 28 -1.44 11.24 -1.49
N TYR B 29 -1.18 11.40 -2.77
CA TYR B 29 0.11 11.94 -3.22
C TYR B 29 0.33 13.33 -2.66
N ALA B 30 -0.68 14.19 -2.80
CA ALA B 30 -0.57 15.56 -2.30
C ALA B 30 -1.35 15.72 -1.01
N SER B 31 -0.76 16.41 -0.04
CA SER B 31 -1.41 16.62 1.25
C SER B 31 -2.35 17.82 1.17
N LEU A 1 -7.61 -6.44 -10.15
CA LEU A 1 -6.58 -5.42 -10.16
C LEU A 1 -5.47 -5.76 -9.18
N ARG A 2 -4.24 -5.42 -9.53
CA ARG A 2 -3.10 -5.70 -8.65
C ARG A 2 -3.25 -4.95 -7.33
N VAL A 3 -2.60 -5.47 -6.29
CA VAL A 3 -2.67 -4.85 -4.97
C VAL A 3 -4.09 -4.34 -4.69
N ARG A 4 -4.90 -5.19 -4.05
CA ARG A 4 -6.28 -4.83 -3.74
C ARG A 4 -6.31 -3.86 -2.56
N ARG A 5 -7.49 -3.68 -1.97
CA ARG A 5 -7.64 -2.75 -0.87
C ARG A 5 -8.86 -3.09 -0.02
N THR A 6 -8.95 -2.47 1.17
CA THR A 6 -10.07 -2.70 2.09
C THR A 6 -9.78 -3.91 2.95
N LEU A 7 -8.51 -4.20 3.12
CA LEU A 7 -8.10 -5.36 3.90
C LEU A 7 -6.88 -5.05 4.78
N GLN A 8 -5.71 -5.59 4.39
CA GLN A 8 -4.47 -5.36 5.15
C GLN A 8 -3.53 -4.57 4.25
N CYS A 9 -2.87 -3.60 4.83
CA CYS A 9 -1.99 -2.72 4.08
C CYS A 9 -0.53 -2.81 4.55
N SER A 10 0.37 -3.07 3.59
CA SER A 10 1.79 -3.20 3.89
C SER A 10 2.64 -2.66 2.73
N CYS A 11 3.91 -2.35 3.02
CA CYS A 11 4.82 -1.84 2.01
C CYS A 11 6.06 -2.71 1.89
N ARG A 12 6.73 -2.62 0.75
CA ARG A 12 7.95 -3.39 0.54
C ARG A 12 8.96 -2.59 -0.27
N ARG A 13 10.24 -2.89 -0.07
CA ARG A 13 11.29 -2.17 -0.78
C ARG A 13 11.45 -2.66 -2.21
N VAL A 14 11.94 -1.77 -3.04
CA VAL A 14 12.14 -2.08 -4.45
C VAL A 14 12.90 -0.97 -5.16
N CYS A 15 12.90 0.18 -4.54
CA CYS A 15 13.57 1.36 -5.10
C CYS A 15 13.07 2.60 -4.41
N ARG A 16 11.90 2.46 -3.84
CA ARG A 16 11.25 3.57 -3.18
C ARG A 16 9.99 3.11 -2.47
N ASN A 17 10.05 1.95 -1.89
CA ASN A 17 8.90 1.42 -1.23
C ASN A 17 7.85 1.09 -2.28
N THR A 18 7.25 -0.07 -2.15
CA THR A 18 6.22 -0.56 -3.06
C THR A 18 4.93 -0.78 -2.30
N CYS A 19 3.84 -0.99 -3.05
CA CYS A 19 2.52 -1.15 -2.45
C CYS A 19 2.04 -2.58 -2.46
N SER A 20 1.77 -3.10 -1.26
CA SER A 20 1.28 -4.46 -1.13
C SER A 20 0.19 -4.54 -0.07
N CYS A 21 -1.04 -4.76 -0.54
CA CYS A 21 -2.18 -4.91 0.37
C CYS A 21 -2.75 -6.30 0.12
N ILE A 22 -2.91 -7.05 1.19
CA ILE A 22 -3.41 -8.43 1.08
C ILE A 22 -3.99 -8.91 2.41
N ARG A 23 -4.76 -9.98 2.38
CA ARG A 23 -5.36 -10.51 3.60
C ARG A 23 -4.36 -11.42 4.31
N LEU A 24 -3.20 -11.58 3.70
CA LEU A 24 -2.15 -12.43 4.26
C LEU A 24 -1.34 -11.71 5.33
N SER A 25 -0.57 -12.48 6.10
CA SER A 25 0.25 -11.91 7.17
C SER A 25 1.52 -11.27 6.60
N ARG A 26 1.34 -10.44 5.57
CA ARG A 26 2.46 -9.74 4.94
C ARG A 26 3.45 -10.73 4.36
N SER A 27 2.92 -11.87 3.95
CA SER A 27 3.75 -12.92 3.35
C SER A 27 3.47 -13.02 1.85
N THR A 28 4.30 -12.36 1.05
CA THR A 28 4.13 -12.40 -0.40
C THR A 28 5.46 -12.08 -1.09
N TYR A 29 5.98 -10.88 -0.84
CA TYR A 29 7.25 -10.47 -1.45
C TYR A 29 8.37 -11.42 -1.06
N ALA A 30 8.49 -11.70 0.22
CA ALA A 30 9.53 -12.61 0.69
C ALA A 30 9.35 -13.99 0.10
N SER A 31 8.10 -14.44 0.01
CA SER A 31 7.80 -15.76 -0.55
C SER A 31 8.21 -15.82 -2.01
N LEU B 1 2.80 9.12 1.83
CA LEU B 1 3.85 8.88 2.80
C LEU B 1 3.26 8.32 4.10
N ARG B 2 1.95 8.12 4.10
CA ARG B 2 1.27 7.59 5.29
C ARG B 2 0.85 6.15 5.06
N VAL B 3 1.38 5.25 5.88
CA VAL B 3 1.05 3.83 5.75
C VAL B 3 0.53 3.26 7.06
N ARG B 4 -0.79 3.07 7.14
CA ARG B 4 -1.43 2.52 8.33
C ARG B 4 -1.44 0.99 8.29
N ARG B 5 -2.47 0.41 8.88
CA ARG B 5 -2.58 -1.05 8.97
C ARG B 5 -3.56 -1.66 7.98
N THR B 6 -4.83 -1.50 8.25
CA THR B 6 -5.89 -2.10 7.41
C THR B 6 -6.82 -1.05 6.82
N LEU B 7 -7.72 -0.56 7.67
CA LEU B 7 -8.70 0.47 7.31
C LEU B 7 -8.91 0.61 5.80
N GLN B 8 -8.10 1.45 5.16
CA GLN B 8 -8.22 1.67 3.73
C GLN B 8 -6.84 1.68 3.11
N CYS B 9 -6.71 1.04 1.97
CA CYS B 9 -5.44 0.94 1.29
C CYS B 9 -5.50 1.51 -0.12
N SER B 10 -4.50 2.32 -0.45
CA SER B 10 -4.41 2.89 -1.76
C SER B 10 -2.96 2.85 -2.25
N CYS B 11 -2.75 2.81 -3.57
CA CYS B 11 -1.39 2.77 -4.10
C CYS B 11 -1.17 3.91 -5.10
N ARG B 12 0.09 4.30 -5.28
CA ARG B 12 0.42 5.38 -6.22
C ARG B 12 1.82 5.14 -6.79
N ARG B 13 2.08 5.72 -7.96
CA ARG B 13 3.37 5.55 -8.62
C ARG B 13 4.47 6.34 -7.96
N VAL B 14 5.66 5.76 -8.02
CA VAL B 14 6.86 6.36 -7.45
C VAL B 14 8.09 5.50 -7.81
N CYS B 15 8.42 5.43 -9.08
CA CYS B 15 9.55 4.62 -9.55
C CYS B 15 9.16 3.16 -9.57
N ARG B 16 7.94 2.89 -9.13
CA ARG B 16 7.44 1.52 -9.09
C ARG B 16 6.03 1.50 -8.54
N ASN B 17 5.92 2.05 -7.36
CA ASN B 17 4.66 2.13 -6.64
C ASN B 17 4.87 2.54 -5.17
N THR B 18 3.77 2.90 -4.51
CA THR B 18 3.77 3.29 -3.08
C THR B 18 2.47 2.93 -2.47
N CYS B 19 2.49 2.82 -1.17
CA CYS B 19 1.32 2.45 -0.44
C CYS B 19 0.87 3.54 0.50
N SER B 20 -0.41 3.87 0.39
CA SER B 20 -1.01 4.87 1.25
C SER B 20 -2.22 4.25 1.91
N CYS B 21 -2.16 4.07 3.23
CA CYS B 21 -3.27 3.49 3.94
C CYS B 21 -3.79 4.52 4.93
N ILE B 22 -5.07 4.87 4.81
CA ILE B 22 -5.65 5.88 5.69
C ILE B 22 -7.18 5.88 5.63
N ARG B 23 -7.79 6.30 6.73
CA ARG B 23 -9.24 6.35 6.81
C ARG B 23 -9.77 7.61 6.15
N LEU B 24 -8.87 8.33 5.48
CA LEU B 24 -9.25 9.57 4.80
C LEU B 24 -9.71 9.29 3.38
N SER B 25 -9.92 10.37 2.62
CA SER B 25 -10.39 10.25 1.23
C SER B 25 -9.21 10.20 0.26
N ARG B 26 -8.09 9.65 0.72
CA ARG B 26 -6.89 9.53 -0.11
C ARG B 26 -6.37 10.91 -0.51
N SER B 27 -5.56 10.94 -1.56
CA SER B 27 -5.00 12.20 -2.04
C SER B 27 -4.23 12.91 -0.92
N THR B 28 -3.70 12.13 0.01
CA THR B 28 -2.95 12.69 1.12
C THR B 28 -1.71 13.44 0.63
N TYR B 29 -0.96 12.81 -0.28
CA TYR B 29 0.24 13.42 -0.82
C TYR B 29 0.00 13.90 -2.25
N ALA B 30 -0.60 13.04 -3.05
CA ALA B 30 -0.87 13.39 -4.45
C ALA B 30 -2.20 12.76 -4.89
N SER B 31 -2.89 13.45 -5.80
CA SER B 31 -4.17 12.96 -6.29
C SER B 31 -3.97 12.06 -7.50
N LEU A 1 -5.35 -11.67 -6.78
CA LEU A 1 -5.19 -10.67 -5.73
C LEU A 1 -4.73 -9.34 -6.34
N ARG A 2 -5.06 -8.25 -5.66
CA ARG A 2 -4.68 -6.92 -6.14
C ARG A 2 -3.98 -6.13 -5.04
N VAL A 3 -3.02 -5.30 -5.44
CA VAL A 3 -2.27 -4.50 -4.48
C VAL A 3 -3.15 -3.42 -3.88
N ARG A 4 -4.29 -3.18 -4.52
CA ARG A 4 -5.24 -2.16 -4.05
C ARG A 4 -6.54 -2.79 -3.61
N ARG A 5 -6.77 -2.77 -2.31
CA ARG A 5 -7.99 -3.35 -1.74
C ARG A 5 -8.35 -2.68 -0.42
N THR A 6 -9.06 -3.41 0.46
CA THR A 6 -9.47 -2.87 1.73
C THR A 6 -9.42 -3.95 2.82
N LEU A 7 -8.22 -4.21 3.32
CA LEU A 7 -8.02 -5.24 4.33
C LEU A 7 -6.76 -4.96 5.16
N GLN A 8 -5.65 -5.64 4.82
CA GLN A 8 -4.41 -5.46 5.52
C GLN A 8 -3.44 -4.76 4.60
N CYS A 9 -2.86 -3.68 5.10
CA CYS A 9 -1.92 -2.88 4.32
C CYS A 9 -0.54 -2.85 4.91
N SER A 10 0.44 -3.28 4.11
CA SER A 10 1.84 -3.28 4.54
C SER A 10 2.72 -2.69 3.45
N CYS A 11 3.74 -1.93 3.87
CA CYS A 11 4.63 -1.29 2.92
C CYS A 11 6.08 -1.55 3.30
N ARG A 12 6.97 -1.41 2.32
CA ARG A 12 8.41 -1.62 2.59
C ARG A 12 9.24 -0.73 1.70
N ARG A 13 10.38 -0.24 2.20
CA ARG A 13 11.27 0.62 1.43
C ARG A 13 11.63 -0.03 0.11
N VAL A 14 12.02 0.80 -0.86
CA VAL A 14 12.39 0.34 -2.20
C VAL A 14 12.40 1.50 -3.20
N CYS A 15 13.31 2.42 -3.01
CA CYS A 15 13.41 3.56 -3.91
C CYS A 15 12.24 4.51 -3.69
N ARG A 16 11.19 3.99 -3.07
CA ARG A 16 10.00 4.78 -2.80
C ARG A 16 8.94 3.94 -2.09
N ASN A 17 9.38 3.03 -1.28
CA ASN A 17 8.47 2.16 -0.57
C ASN A 17 7.61 1.37 -1.55
N THR A 18 7.25 0.16 -1.15
CA THR A 18 6.42 -0.72 -1.99
C THR A 18 5.09 -0.91 -1.32
N CYS A 19 4.07 -1.27 -2.14
CA CYS A 19 2.71 -1.44 -1.64
C CYS A 19 2.27 -2.89 -1.72
N SER A 20 1.90 -3.44 -0.57
CA SER A 20 1.44 -4.82 -0.52
C SER A 20 0.30 -4.96 0.48
N CYS A 21 -0.91 -5.17 -0.04
CA CYS A 21 -2.08 -5.35 0.82
C CYS A 21 -2.68 -6.73 0.59
N ILE A 22 -2.86 -7.46 1.68
CA ILE A 22 -3.39 -8.83 1.58
C ILE A 22 -4.05 -9.28 2.88
N ARG A 23 -4.80 -10.36 2.82
CA ARG A 23 -5.48 -10.86 4.01
C ARG A 23 -4.69 -11.99 4.65
N LEU A 24 -3.48 -12.20 4.16
CA LEU A 24 -2.61 -13.26 4.68
C LEU A 24 -1.50 -12.67 5.55
N SER A 25 -1.00 -13.47 6.47
CA SER A 25 0.06 -13.02 7.37
C SER A 25 1.31 -12.65 6.57
N ARG A 26 1.62 -13.45 5.54
CA ARG A 26 2.78 -13.19 4.72
C ARG A 26 2.62 -11.88 3.95
N SER A 27 3.72 -11.14 3.81
CA SER A 27 3.69 -9.87 3.11
C SER A 27 3.32 -10.08 1.64
N THR A 28 3.76 -11.18 1.08
CA THR A 28 3.48 -11.49 -0.32
C THR A 28 4.18 -10.51 -1.24
N TYR A 29 5.46 -10.26 -0.97
CA TYR A 29 6.23 -9.33 -1.80
C TYR A 29 6.28 -9.81 -3.24
N ALA A 30 6.62 -11.08 -3.43
CA ALA A 30 6.71 -11.64 -4.77
C ALA A 30 5.32 -11.75 -5.40
N SER A 31 5.25 -11.49 -6.70
CA SER A 31 3.97 -11.57 -7.41
C SER A 31 4.20 -11.88 -8.88
N LEU B 1 3.37 8.09 9.20
CA LEU B 1 3.64 6.76 9.72
C LEU B 1 2.39 5.88 9.61
N ARG B 2 1.37 6.40 8.93
CA ARG B 2 0.13 5.65 8.76
C ARG B 2 0.05 5.07 7.34
N VAL B 3 1.19 4.96 6.69
CA VAL B 3 1.24 4.41 5.33
C VAL B 3 0.84 2.95 5.33
N ARG B 4 0.62 2.40 6.51
CA ARG B 4 0.24 0.99 6.64
C ARG B 4 -0.70 0.80 7.81
N ARG B 5 -1.56 -0.22 7.71
CA ARG B 5 -2.53 -0.51 8.77
C ARG B 5 -3.63 -1.45 8.26
N THR B 6 -4.87 -1.20 8.65
CA THR B 6 -5.98 -2.03 8.25
C THR B 6 -7.22 -1.17 8.00
N LEU B 7 -7.26 -0.55 6.84
CA LEU B 7 -8.38 0.31 6.45
C LEU B 7 -8.52 0.37 4.93
N GLN B 8 -8.04 1.47 4.33
CA GLN B 8 -8.12 1.64 2.90
C GLN B 8 -6.72 1.58 2.34
N CYS B 9 -6.54 0.79 1.30
CA CYS B 9 -5.24 0.60 0.68
C CYS B 9 -5.19 1.08 -0.75
N SER B 10 -4.24 1.97 -1.01
CA SER B 10 -4.08 2.50 -2.35
C SER B 10 -2.59 2.56 -2.72
N CYS B 11 -2.28 2.28 -3.99
CA CYS B 11 -0.90 2.29 -4.43
C CYS B 11 -0.77 2.94 -5.79
N ARG B 12 0.44 3.38 -6.12
CA ARG B 12 0.67 4.01 -7.43
C ARG B 12 2.06 3.70 -7.93
N ARG B 13 2.22 3.58 -9.26
CA ARG B 13 3.53 3.27 -9.86
C ARG B 13 4.56 4.31 -9.45
N VAL B 14 5.81 3.87 -9.39
CA VAL B 14 6.92 4.75 -9.02
C VAL B 14 8.21 3.94 -8.86
N CYS B 15 8.69 3.39 -9.95
CA CYS B 15 9.92 2.61 -9.90
C CYS B 15 9.68 1.27 -9.25
N ARG B 16 8.59 1.18 -8.52
CA ARG B 16 8.22 -0.06 -7.84
C ARG B 16 6.90 0.06 -7.12
N ASN B 17 6.18 1.10 -7.43
CA ASN B 17 4.90 1.35 -6.81
C ASN B 17 5.08 1.99 -5.44
N THR B 18 4.11 2.84 -5.07
CA THR B 18 4.16 3.52 -3.77
C THR B 18 3.02 3.02 -2.92
N CYS B 19 3.19 3.14 -1.59
CA CYS B 19 2.21 2.65 -0.64
C CYS B 19 1.52 3.79 0.08
N SER B 20 0.20 3.82 -0.05
CA SER B 20 -0.60 4.86 0.60
C SER B 20 -1.90 4.27 1.12
N CYS B 21 -2.00 4.12 2.44
CA CYS B 21 -3.21 3.58 3.07
C CYS B 21 -3.76 4.60 4.06
N ILE B 22 -5.04 4.89 3.92
CA ILE B 22 -5.67 5.89 4.80
C ILE B 22 -7.19 5.72 4.84
N ARG B 23 -7.84 6.42 5.77
CA ARG B 23 -9.29 6.31 5.89
C ARG B 23 -9.96 7.58 5.35
N LEU B 24 -9.17 8.42 4.70
CA LEU B 24 -9.68 9.67 4.13
C LEU B 24 -9.46 9.71 2.63
N SER B 25 -10.32 10.45 1.93
CA SER B 25 -10.20 10.57 0.48
C SER B 25 -9.24 11.70 0.11
N ARG B 26 -8.53 12.22 1.10
CA ARG B 26 -7.58 13.30 0.86
C ARG B 26 -6.53 12.88 -0.16
N SER B 27 -6.02 13.86 -0.88
CA SER B 27 -5.01 13.59 -1.90
C SER B 27 -3.81 12.87 -1.30
N THR B 28 -3.53 11.69 -1.82
CA THR B 28 -2.42 10.90 -1.32
C THR B 28 -1.16 11.18 -2.14
N TYR B 29 -0.40 12.18 -1.71
CA TYR B 29 0.83 12.54 -2.41
C TYR B 29 0.54 12.84 -3.88
N ALA B 30 0.34 14.11 -4.19
CA ALA B 30 0.06 14.52 -5.56
C ALA B 30 -1.38 14.17 -5.94
N SER B 31 -1.62 14.01 -7.23
CA SER B 31 -2.96 13.68 -7.73
C SER B 31 -2.91 13.27 -9.19
N LEU A 1 -0.77 -2.86 -10.63
CA LEU A 1 -1.30 -2.41 -9.35
C LEU A 1 -2.51 -3.23 -8.97
N ARG A 2 -2.27 -4.36 -8.30
CA ARG A 2 -3.36 -5.23 -7.88
C ARG A 2 -3.61 -5.10 -6.38
N VAL A 3 -3.10 -4.03 -5.80
CA VAL A 3 -3.27 -3.79 -4.37
C VAL A 3 -4.19 -2.59 -4.13
N ARG A 4 -5.37 -2.86 -3.57
CA ARG A 4 -6.34 -1.80 -3.29
C ARG A 4 -7.54 -2.35 -2.54
N ARG A 5 -7.32 -2.68 -1.28
CA ARG A 5 -8.37 -3.23 -0.43
C ARG A 5 -8.36 -2.59 0.96
N THR A 6 -8.60 -3.40 1.98
CA THR A 6 -8.61 -2.91 3.35
C THR A 6 -7.96 -3.92 4.28
N LEU A 7 -8.75 -4.93 4.69
CA LEU A 7 -8.27 -6.00 5.57
C LEU A 7 -6.98 -5.62 6.28
N GLN A 8 -5.85 -5.95 5.65
CA GLN A 8 -4.56 -5.63 6.23
C GLN A 8 -3.70 -4.98 5.18
N CYS A 9 -3.01 -3.93 5.57
CA CYS A 9 -2.17 -3.18 4.67
C CYS A 9 -0.70 -3.16 5.10
N SER A 10 0.14 -3.70 4.22
CA SER A 10 1.57 -3.74 4.48
C SER A 10 2.36 -3.30 3.25
N CYS A 11 3.48 -2.65 3.48
CA CYS A 11 4.31 -2.16 2.39
C CYS A 11 5.77 -2.56 2.59
N ARG A 12 6.52 -2.62 1.49
CA ARG A 12 7.94 -2.97 1.58
C ARG A 12 8.77 -2.06 0.71
N ARG A 13 9.92 -1.63 1.24
CA ARG A 13 10.83 -0.77 0.49
C ARG A 13 11.12 -1.35 -0.88
N VAL A 14 11.24 -0.44 -1.85
CA VAL A 14 11.51 -0.80 -3.24
C VAL A 14 11.54 0.42 -4.16
N CYS A 15 12.49 1.31 -3.94
CA CYS A 15 12.58 2.53 -4.74
C CYS A 15 11.45 3.47 -4.40
N ARG A 16 10.45 2.93 -3.72
CA ARG A 16 9.29 3.73 -3.32
C ARG A 16 8.27 2.89 -2.59
N ASN A 17 8.74 1.93 -1.84
CA ASN A 17 7.86 1.06 -1.12
C ASN A 17 6.95 0.29 -2.10
N THR A 18 6.55 -0.90 -1.67
CA THR A 18 5.68 -1.78 -2.47
C THR A 18 4.36 -1.92 -1.76
N CYS A 19 3.35 -2.33 -2.53
CA CYS A 19 2.01 -2.45 -2.00
C CYS A 19 1.60 -3.90 -1.85
N SER A 20 1.28 -4.26 -0.61
CA SER A 20 0.83 -5.60 -0.31
C SER A 20 -0.21 -5.55 0.81
N CYS A 21 -1.48 -5.74 0.44
CA CYS A 21 -2.56 -5.74 1.42
C CYS A 21 -3.24 -7.08 1.36
N ILE A 22 -3.26 -7.76 2.49
CA ILE A 22 -3.84 -9.11 2.56
C ILE A 22 -4.26 -9.48 3.99
N ARG A 23 -5.20 -10.40 4.10
CA ARG A 23 -5.68 -10.83 5.41
C ARG A 23 -4.63 -11.66 6.14
N LEU A 24 -3.53 -11.91 5.46
CA LEU A 24 -2.45 -12.72 6.04
C LEU A 24 -1.54 -11.86 6.92
N SER A 25 -1.20 -12.38 8.09
CA SER A 25 -0.32 -11.66 9.00
C SER A 25 1.08 -11.51 8.42
N ARG A 26 1.56 -12.57 7.77
CA ARG A 26 2.88 -12.56 7.16
C ARG A 26 2.91 -11.68 5.93
N SER A 27 4.06 -11.04 5.70
CA SER A 27 4.20 -10.17 4.55
C SER A 27 4.32 -10.98 3.27
N THR A 28 3.39 -10.75 2.35
CA THR A 28 3.39 -11.45 1.08
C THR A 28 4.13 -10.64 0.03
N TYR A 29 5.39 -10.98 -0.17
CA TYR A 29 6.23 -10.28 -1.15
C TYR A 29 6.62 -11.22 -2.30
N ALA A 30 6.42 -10.76 -3.53
CA ALA A 30 6.75 -11.56 -4.69
C ALA A 30 7.21 -10.66 -5.85
N SER A 31 8.07 -11.21 -6.71
CA SER A 31 8.57 -10.45 -7.85
C SER A 31 7.43 -9.98 -8.73
N LEU B 1 -0.42 6.44 11.33
CA LEU B 1 0.69 5.99 10.50
C LEU B 1 0.19 5.54 9.14
N ARG B 2 0.23 6.46 8.18
CA ARG B 2 -0.22 6.16 6.82
C ARG B 2 0.72 5.15 6.15
N VAL B 3 0.34 4.70 4.96
CA VAL B 3 1.16 3.74 4.22
C VAL B 3 1.33 2.45 5.02
N ARG B 4 0.31 2.10 5.80
CA ARG B 4 0.37 0.89 6.61
C ARG B 4 -0.97 0.67 7.28
N ARG B 5 -0.95 0.00 8.42
CA ARG B 5 -2.14 -0.29 9.18
C ARG B 5 -3.12 -1.12 8.36
N THR B 6 -4.39 -0.73 8.38
CA THR B 6 -5.41 -1.46 7.64
C THR B 6 -6.35 -0.51 6.90
N LEU B 7 -7.25 0.12 7.65
CA LEU B 7 -8.22 1.07 7.10
C LEU B 7 -8.42 0.90 5.59
N GLN B 8 -7.85 1.81 4.80
CA GLN B 8 -7.97 1.76 3.36
C GLN B 8 -6.60 1.56 2.75
N CYS B 9 -6.56 0.73 1.73
CA CYS B 9 -5.31 0.41 1.04
C CYS B 9 -5.36 0.83 -0.41
N SER B 10 -4.33 1.55 -0.84
CA SER B 10 -4.26 2.01 -2.21
C SER B 10 -2.82 1.99 -2.72
N CYS B 11 -2.65 1.96 -4.04
CA CYS B 11 -1.32 1.94 -4.63
C CYS B 11 -1.28 2.85 -5.85
N ARG B 12 -0.08 3.24 -6.23
CA ARG B 12 0.09 4.11 -7.40
C ARG B 12 1.46 3.90 -8.04
N ARG B 13 1.51 3.87 -9.38
CA ARG B 13 2.77 3.69 -10.10
C ARG B 13 3.80 4.70 -9.65
N VAL B 14 5.06 4.32 -9.81
CA VAL B 14 6.20 5.16 -9.43
C VAL B 14 7.52 4.36 -9.41
N CYS B 15 8.03 4.04 -10.56
CA CYS B 15 9.27 3.25 -10.63
C CYS B 15 9.07 1.88 -10.04
N ARG B 16 7.96 1.70 -9.34
CA ARG B 16 7.67 0.42 -8.71
C ARG B 16 6.45 0.52 -7.82
N ASN B 17 5.56 1.38 -8.21
CA ASN B 17 4.36 1.58 -7.44
C ASN B 17 4.68 2.02 -6.01
N THR B 18 3.77 2.81 -5.45
CA THR B 18 3.90 3.32 -4.08
C THR B 18 2.78 2.77 -3.23
N CYS B 19 3.03 2.71 -1.92
CA CYS B 19 2.06 2.16 -0.98
C CYS B 19 1.51 3.24 -0.09
N SER B 20 0.20 3.47 -0.27
CA SER B 20 -0.49 4.49 0.51
C SER B 20 -1.78 3.93 1.10
N CYS B 21 -1.82 3.86 2.43
CA CYS B 21 -3.01 3.39 3.13
C CYS B 21 -3.50 4.52 4.00
N ILE B 22 -4.75 4.89 3.80
CA ILE B 22 -5.35 6.02 4.54
C ILE B 22 -6.88 5.96 4.55
N ARG B 23 -7.49 6.52 5.58
CA ARG B 23 -8.95 6.51 5.68
C ARG B 23 -9.56 7.49 4.69
N LEU B 24 -8.73 8.39 4.19
CA LEU B 24 -9.20 9.41 3.25
C LEU B 24 -9.47 8.80 1.88
N SER B 25 -10.42 9.38 1.16
CA SER B 25 -10.77 8.88 -0.17
C SER B 25 -9.91 9.55 -1.23
N ARG B 26 -9.20 10.61 -0.84
CA ARG B 26 -8.33 11.33 -1.78
C ARG B 26 -6.91 10.80 -1.70
N SER B 27 -6.19 10.90 -2.83
CA SER B 27 -4.83 10.42 -2.89
C SER B 27 -3.90 11.40 -2.16
N THR B 28 -3.33 10.94 -1.05
CA THR B 28 -2.43 11.78 -0.26
C THR B 28 -1.29 12.28 -1.13
N TYR B 29 -1.08 11.62 -2.27
CA TYR B 29 -0.01 12.02 -3.19
C TYR B 29 -0.20 13.45 -3.66
N ALA B 30 0.85 14.26 -3.55
CA ALA B 30 0.79 15.65 -3.97
C ALA B 30 2.18 16.19 -4.25
N SER B 31 2.26 17.21 -5.10
CA SER B 31 3.54 17.82 -5.45
C SER B 31 3.91 18.89 -4.44
N LEU A 1 3.49 -8.44 -5.05
CA LEU A 1 2.87 -7.52 -5.99
C LEU A 1 1.36 -7.70 -5.98
N ARG A 2 0.85 -8.35 -4.93
CA ARG A 2 -0.58 -8.58 -4.81
C ARG A 2 -1.23 -7.48 -3.98
N VAL A 3 -2.21 -6.82 -4.58
CA VAL A 3 -2.93 -5.73 -3.90
C VAL A 3 -4.44 -5.95 -3.97
N ARG A 4 -5.10 -5.79 -2.83
CA ARG A 4 -6.55 -5.97 -2.74
C ARG A 4 -7.23 -4.66 -2.35
N ARG A 5 -8.26 -4.77 -1.52
CA ARG A 5 -9.03 -3.60 -1.09
C ARG A 5 -8.54 -3.07 0.24
N THR A 6 -9.28 -3.35 1.29
CA THR A 6 -8.93 -2.87 2.63
C THR A 6 -8.28 -3.94 3.46
N LEU A 7 -9.08 -4.93 3.85
CA LEU A 7 -8.60 -6.06 4.65
C LEU A 7 -7.33 -5.74 5.42
N GLN A 8 -6.18 -6.06 4.83
CA GLN A 8 -4.91 -5.79 5.46
C GLN A 8 -4.01 -5.09 4.49
N CYS A 9 -3.27 -4.12 5.00
CA CYS A 9 -2.40 -3.32 4.18
C CYS A 9 -0.94 -3.45 4.61
N SER A 10 -0.09 -3.84 3.65
CA SER A 10 1.33 -4.01 3.92
C SER A 10 2.16 -3.26 2.89
N CYS A 11 3.37 -2.89 3.27
CA CYS A 11 4.26 -2.15 2.37
C CYS A 11 5.62 -2.83 2.28
N ARG A 12 6.26 -2.74 1.10
CA ARG A 12 7.58 -3.35 0.92
C ARG A 12 8.52 -2.39 0.22
N ARG A 13 9.79 -2.46 0.54
CA ARG A 13 10.78 -1.58 -0.09
C ARG A 13 10.85 -1.85 -1.58
N VAL A 14 11.01 -0.76 -2.32
CA VAL A 14 11.11 -0.81 -3.77
C VAL A 14 11.41 0.57 -4.37
N CYS A 15 12.54 1.16 -4.01
CA CYS A 15 12.90 2.49 -4.51
C CYS A 15 11.98 3.54 -3.91
N ARG A 16 10.90 3.07 -3.27
CA ARG A 16 9.94 3.96 -2.64
C ARG A 16 8.77 3.19 -2.05
N ASN A 17 9.07 2.16 -1.30
CA ASN A 17 8.03 1.36 -0.72
C ASN A 17 7.09 0.83 -1.81
N THR A 18 6.49 -0.31 -1.53
CA THR A 18 5.57 -0.99 -2.45
C THR A 18 4.21 -1.10 -1.79
N CYS A 19 3.19 -1.32 -2.61
CA CYS A 19 1.82 -1.43 -2.11
C CYS A 19 1.34 -2.86 -2.20
N SER A 20 1.04 -3.43 -1.04
CA SER A 20 0.57 -4.80 -0.95
C SER A 20 -0.55 -4.91 0.08
N CYS A 21 -1.77 -5.14 -0.40
CA CYS A 21 -2.91 -5.30 0.48
C CYS A 21 -3.46 -6.70 0.31
N ILE A 22 -3.50 -7.45 1.40
CA ILE A 22 -3.97 -8.84 1.35
C ILE A 22 -4.66 -9.21 2.65
N ARG A 23 -5.31 -10.37 2.65
CA ARG A 23 -6.02 -10.84 3.83
C ARG A 23 -5.22 -11.93 4.54
N LEU A 24 -4.01 -12.16 4.04
CA LEU A 24 -3.14 -13.18 4.61
C LEU A 24 -2.15 -12.56 5.59
N SER A 25 -1.76 -13.33 6.61
CA SER A 25 -0.82 -12.84 7.61
C SER A 25 0.61 -12.99 7.13
N ARG A 26 0.78 -13.63 5.97
CA ARG A 26 2.12 -13.84 5.41
C ARG A 26 2.10 -13.65 3.91
N SER A 27 3.27 -13.38 3.33
CA SER A 27 3.38 -13.17 1.90
C SER A 27 2.69 -11.88 1.49
N THR A 28 3.50 -10.83 1.31
CA THR A 28 2.98 -9.54 0.92
C THR A 28 3.41 -9.20 -0.50
N TYR A 29 4.49 -9.82 -0.96
CA TYR A 29 4.98 -9.57 -2.30
C TYR A 29 5.66 -10.82 -2.86
N ALA A 30 5.74 -10.90 -4.18
CA ALA A 30 6.37 -12.06 -4.84
C ALA A 30 7.45 -11.60 -5.79
N SER A 31 7.58 -10.28 -5.97
CA SER A 31 8.59 -9.74 -6.87
C SER A 31 9.29 -8.54 -6.23
N LEU B 1 1.83 11.80 4.75
CA LEU B 1 3.26 11.64 5.04
C LEU B 1 3.48 10.43 5.95
N ARG B 2 2.49 9.57 6.03
CA ARG B 2 2.60 8.37 6.86
C ARG B 2 1.80 7.22 6.24
N VAL B 3 2.21 5.99 6.57
CA VAL B 3 1.52 4.81 6.05
C VAL B 3 1.12 3.89 7.20
N ARG B 4 -0.18 3.62 7.30
CA ARG B 4 -0.69 2.74 8.36
C ARG B 4 -1.24 1.46 7.76
N ARG B 5 -2.11 0.80 8.50
CA ARG B 5 -2.71 -0.44 8.04
C ARG B 5 -3.93 -0.78 8.87
N THR B 6 -4.76 -1.69 8.35
CA THR B 6 -5.97 -2.13 9.05
C THR B 6 -7.10 -1.17 8.81
N LEU B 7 -7.04 -0.50 7.66
CA LEU B 7 -8.06 0.47 7.33
C LEU B 7 -8.31 0.52 5.81
N GLN B 8 -7.75 1.53 5.15
CA GLN B 8 -7.91 1.70 3.71
C GLN B 8 -6.55 1.60 3.07
N CYS B 9 -6.48 0.86 1.98
CA CYS B 9 -5.21 0.63 1.30
C CYS B 9 -5.23 1.20 -0.10
N SER B 10 -4.30 2.10 -0.36
CA SER B 10 -4.17 2.74 -1.66
C SER B 10 -2.74 2.66 -2.16
N CYS B 11 -2.56 2.70 -3.47
CA CYS B 11 -1.23 2.62 -4.06
C CYS B 11 -1.00 3.76 -5.05
N ARG B 12 0.25 4.21 -5.17
CA ARG B 12 0.58 5.28 -6.09
C ARG B 12 1.85 4.96 -6.86
N ARG B 13 1.93 5.44 -8.08
CA ARG B 13 3.11 5.20 -8.90
C ARG B 13 4.27 6.05 -8.42
N VAL B 14 5.46 5.50 -8.61
CA VAL B 14 6.70 6.17 -8.22
C VAL B 14 7.93 5.30 -8.54
N CYS B 15 8.15 5.04 -9.81
CA CYS B 15 9.27 4.21 -10.23
C CYS B 15 8.86 2.76 -10.14
N ARG B 16 7.66 2.54 -9.62
CA ARG B 16 7.15 1.17 -9.48
C ARG B 16 5.81 1.15 -8.77
N ASN B 17 5.78 1.78 -7.64
CA ASN B 17 4.58 1.85 -6.81
C ASN B 17 4.91 2.35 -5.40
N THR B 18 3.93 3.02 -4.80
CA THR B 18 4.07 3.56 -3.44
C THR B 18 2.99 2.99 -2.54
N CYS B 19 3.23 3.03 -1.24
CA CYS B 19 2.30 2.49 -0.28
C CYS B 19 1.64 3.59 0.53
N SER B 20 0.32 3.71 0.37
CA SER B 20 -0.44 4.72 1.09
C SER B 20 -1.72 4.11 1.64
N CYS B 21 -1.76 3.92 2.95
CA CYS B 21 -2.95 3.38 3.60
C CYS B 21 -3.42 4.40 4.63
N ILE B 22 -4.69 4.78 4.52
CA ILE B 22 -5.26 5.79 5.42
C ILE B 22 -6.78 5.71 5.47
N ARG B 23 -7.36 6.12 6.58
CA ARG B 23 -8.81 6.08 6.74
C ARG B 23 -9.49 7.05 5.78
N LEU B 24 -8.88 8.20 5.62
CA LEU B 24 -9.42 9.25 4.74
C LEU B 24 -8.29 9.98 4.03
N SER B 25 -8.59 11.17 3.54
CA SER B 25 -7.60 11.97 2.83
C SER B 25 -7.50 11.52 1.39
N ARG B 26 -8.64 11.21 0.79
CA ARG B 26 -8.67 10.75 -0.60
C ARG B 26 -7.70 11.58 -1.45
N SER B 27 -7.00 10.90 -2.34
CA SER B 27 -6.05 11.57 -3.22
C SER B 27 -5.05 12.39 -2.40
N THR B 28 -4.46 11.76 -1.40
CA THR B 28 -3.50 12.45 -0.54
C THR B 28 -2.32 12.93 -1.36
N TYR B 29 -1.82 12.05 -2.23
CA TYR B 29 -0.70 12.42 -3.09
C TYR B 29 -1.18 12.69 -4.51
N ALA B 30 -0.44 12.14 -5.47
CA ALA B 30 -0.76 12.32 -6.86
C ALA B 30 -0.68 13.80 -7.25
N SER B 31 0.41 14.45 -6.86
CA SER B 31 0.60 15.87 -7.15
C SER B 31 2.08 16.23 -7.11
N LEU A 1 -2.15 -10.97 -6.65
CA LEU A 1 -2.10 -10.24 -7.92
C LEU A 1 -2.83 -8.91 -7.79
N ARG A 2 -3.51 -8.72 -6.66
CA ARG A 2 -4.25 -7.49 -6.41
C ARG A 2 -3.85 -6.88 -5.08
N VAL A 3 -3.83 -5.55 -5.02
CA VAL A 3 -3.46 -4.86 -3.80
C VAL A 3 -4.34 -3.62 -3.61
N ARG A 4 -5.38 -3.77 -2.79
CA ARG A 4 -6.29 -2.66 -2.53
C ARG A 4 -7.31 -3.07 -1.47
N ARG A 5 -8.54 -2.65 -1.67
CA ARG A 5 -9.63 -2.96 -0.76
C ARG A 5 -9.33 -2.43 0.64
N THR A 6 -9.57 -3.24 1.65
CA THR A 6 -9.35 -2.83 3.04
C THR A 6 -8.51 -3.84 3.82
N LEU A 7 -9.12 -4.98 4.12
CA LEU A 7 -8.49 -6.08 4.86
C LEU A 7 -7.24 -5.66 5.64
N GLN A 8 -6.07 -5.97 5.09
CA GLN A 8 -4.81 -5.65 5.73
C GLN A 8 -3.95 -4.94 4.72
N CYS A 9 -3.32 -3.89 5.19
CA CYS A 9 -2.48 -3.09 4.34
C CYS A 9 -1.04 -3.08 4.79
N SER A 10 -0.19 -3.58 3.90
CA SER A 10 1.24 -3.64 4.17
C SER A 10 2.02 -2.98 3.04
N CYS A 11 3.15 -2.37 3.37
CA CYS A 11 3.97 -1.69 2.38
C CYS A 11 5.43 -2.08 2.53
N ARG A 12 6.19 -2.06 1.44
CA ARG A 12 7.61 -2.42 1.48
C ARG A 12 8.44 -1.38 0.76
N ARG A 13 9.71 -1.30 1.09
CA ARG A 13 10.58 -0.32 0.45
C ARG A 13 10.88 -0.71 -0.99
N VAL A 14 11.01 0.31 -1.82
CA VAL A 14 11.31 0.13 -3.24
C VAL A 14 11.50 1.49 -3.92
N CYS A 15 12.58 2.17 -3.56
CA CYS A 15 12.87 3.49 -4.11
C CYS A 15 11.95 4.51 -3.45
N ARG A 16 11.04 4.01 -2.64
CA ARG A 16 10.10 4.88 -1.96
C ARG A 16 9.14 4.11 -1.09
N ASN A 17 8.61 3.07 -1.66
CA ASN A 17 7.63 2.22 -0.99
C ASN A 17 6.90 1.32 -2.00
N THR A 18 6.43 0.18 -1.52
CA THR A 18 5.70 -0.80 -2.35
C THR A 18 4.33 -1.01 -1.76
N CYS A 19 3.46 -1.56 -2.58
CA CYS A 19 2.09 -1.83 -2.17
C CYS A 19 1.83 -3.31 -2.00
N SER A 20 1.33 -3.64 -0.81
CA SER A 20 0.96 -5.01 -0.47
C SER A 20 -0.17 -5.01 0.55
N CYS A 21 -1.37 -5.37 0.10
CA CYS A 21 -2.52 -5.44 0.99
C CYS A 21 -3.13 -6.83 0.81
N ILE A 22 -3.29 -7.55 1.92
CA ILE A 22 -3.82 -8.93 1.85
C ILE A 22 -4.40 -9.36 3.20
N ARG A 23 -5.13 -10.46 3.21
CA ARG A 23 -5.74 -10.96 4.45
C ARG A 23 -4.74 -11.81 5.22
N LEU A 24 -3.55 -11.96 4.66
CA LEU A 24 -2.51 -12.76 5.30
C LEU A 24 -1.60 -11.90 6.18
N SER A 25 -0.86 -12.54 7.07
CA SER A 25 0.04 -11.81 7.96
C SER A 25 1.11 -11.06 7.16
N ARG A 26 1.69 -11.73 6.17
CA ARG A 26 2.72 -11.13 5.33
C ARG A 26 3.14 -12.08 4.22
N SER A 27 4.30 -11.82 3.63
CA SER A 27 4.82 -12.66 2.55
C SER A 27 4.21 -12.29 1.21
N THR A 28 3.81 -11.03 1.07
CA THR A 28 3.22 -10.55 -0.17
C THR A 28 4.25 -10.47 -1.29
N TYR A 29 5.41 -9.89 -0.98
CA TYR A 29 6.48 -9.74 -1.97
C TYR A 29 6.99 -11.10 -2.42
N ALA A 30 7.11 -11.28 -3.73
CA ALA A 30 7.59 -12.53 -4.29
C ALA A 30 6.92 -13.71 -3.60
N SER A 31 5.66 -13.52 -3.18
CA SER A 31 4.93 -14.59 -2.50
C SER A 31 5.77 -15.17 -1.37
N LEU B 1 6.51 6.68 8.89
CA LEU B 1 7.53 6.23 7.96
C LEU B 1 7.04 5.02 7.18
N ARG B 2 5.98 4.40 7.68
CA ARG B 2 5.41 3.22 7.03
C ARG B 2 3.92 3.41 6.81
N VAL B 3 3.42 2.94 5.67
CA VAL B 3 2.01 3.06 5.34
C VAL B 3 1.32 1.70 5.46
N ARG B 4 1.64 0.96 6.53
CA ARG B 4 1.04 -0.35 6.74
C ARG B 4 -0.04 -0.27 7.80
N ARG B 5 -1.27 -0.57 7.41
CA ARG B 5 -2.39 -0.51 8.33
C ARG B 5 -3.49 -1.46 7.87
N THR B 6 -4.72 -0.97 7.86
CA THR B 6 -5.85 -1.77 7.42
C THR B 6 -6.85 -0.95 6.63
N LEU B 7 -7.66 -0.19 7.37
CA LEU B 7 -8.69 0.70 6.80
C LEU B 7 -8.87 0.51 5.30
N GLN B 8 -8.30 1.42 4.50
CA GLN B 8 -8.41 1.34 3.06
C GLN B 8 -7.02 1.36 2.47
N CYS B 9 -6.87 0.60 1.41
CA CYS B 9 -5.60 0.45 0.76
C CYS B 9 -5.59 0.98 -0.65
N SER B 10 -4.56 1.77 -0.94
CA SER B 10 -4.42 2.34 -2.26
C SER B 10 -2.95 2.41 -2.65
N CYS B 11 -2.72 2.56 -3.95
CA CYS B 11 -1.37 2.65 -4.49
C CYS B 11 -1.21 3.90 -5.36
N ARG B 12 0.04 4.28 -5.58
CA ARG B 12 0.36 5.46 -6.40
C ARG B 12 1.74 5.34 -7.02
N ARG B 13 1.99 6.16 -8.02
CA ARG B 13 3.28 6.15 -8.74
C ARG B 13 4.19 7.29 -8.30
N VAL B 14 5.48 7.11 -8.53
CA VAL B 14 6.47 8.12 -8.18
C VAL B 14 7.87 7.74 -8.64
N CYS B 15 8.05 6.47 -8.91
CA CYS B 15 9.33 5.97 -9.35
C CYS B 15 9.34 4.46 -9.33
N ARG B 16 8.38 3.89 -8.63
CA ARG B 16 8.31 2.44 -8.49
C ARG B 16 7.12 2.03 -7.67
N ASN B 17 6.00 2.66 -7.93
CA ASN B 17 4.81 2.36 -7.19
C ASN B 17 5.05 2.69 -5.72
N THR B 18 4.11 3.42 -5.16
CA THR B 18 4.16 3.85 -3.76
C THR B 18 2.97 3.29 -3.01
N CYS B 19 3.06 3.34 -1.69
CA CYS B 19 2.01 2.81 -0.82
C CYS B 19 1.27 3.89 -0.08
N SER B 20 -0.05 3.83 -0.17
CA SER B 20 -0.90 4.79 0.50
C SER B 20 -2.19 4.13 0.98
N CYS B 21 -2.34 4.05 2.30
CA CYS B 21 -3.54 3.47 2.90
C CYS B 21 -4.20 4.56 3.72
N ILE B 22 -5.49 4.78 3.50
CA ILE B 22 -6.23 5.84 4.22
C ILE B 22 -7.72 5.55 4.23
N ARG B 23 -8.42 6.01 5.26
CA ARG B 23 -9.85 5.78 5.38
C ARG B 23 -10.65 6.90 4.70
N LEU B 24 -10.01 8.04 4.59
CA LEU B 24 -10.64 9.22 3.98
C LEU B 24 -9.97 9.58 2.67
N SER B 25 -10.76 10.13 1.74
CA SER B 25 -10.24 10.52 0.44
C SER B 25 -9.53 11.88 0.52
N ARG B 26 -8.57 11.98 1.43
CA ARG B 26 -7.81 13.21 1.61
C ARG B 26 -6.97 13.50 0.37
N SER B 27 -6.69 14.77 0.14
CA SER B 27 -5.91 15.17 -1.02
C SER B 27 -4.61 14.37 -1.07
N THR B 28 -4.48 13.56 -2.11
CA THR B 28 -3.29 12.75 -2.30
C THR B 28 -2.58 13.17 -3.57
N TYR B 29 -1.53 13.96 -3.41
CA TYR B 29 -0.75 14.45 -4.55
C TYR B 29 -0.23 13.28 -5.38
N ALA B 30 0.02 12.16 -4.71
CA ALA B 30 0.53 10.97 -5.39
C ALA B 30 1.56 11.36 -6.44
N SER B 31 1.31 10.98 -7.69
CA SER B 31 2.23 11.28 -8.78
C SER B 31 2.48 12.78 -8.86
N LEU A 1 -4.35 1.97 -9.40
CA LEU A 1 -4.66 0.56 -9.19
C LEU A 1 -4.36 0.16 -7.75
N ARG A 2 -5.40 0.00 -6.95
CA ARG A 2 -5.22 -0.38 -5.55
C ARG A 2 -4.80 -1.85 -5.46
N VAL A 3 -3.83 -2.11 -4.59
CA VAL A 3 -3.34 -3.48 -4.42
C VAL A 3 -4.40 -4.33 -3.72
N ARG A 4 -5.34 -3.67 -3.06
CA ARG A 4 -6.41 -4.37 -2.35
C ARG A 4 -7.34 -3.37 -1.66
N ARG A 5 -8.15 -3.87 -0.72
CA ARG A 5 -9.11 -3.02 0.00
C ARG A 5 -8.57 -2.55 1.35
N THR A 6 -9.22 -2.98 2.41
CA THR A 6 -8.84 -2.59 3.77
C THR A 6 -8.03 -3.68 4.46
N LEU A 7 -8.68 -4.82 4.67
CA LEU A 7 -8.07 -5.99 5.29
C LEU A 7 -6.80 -5.67 6.08
N GLN A 8 -5.64 -5.80 5.42
CA GLN A 8 -4.38 -5.52 6.08
C GLN A 8 -3.48 -4.82 5.10
N CYS A 9 -2.80 -3.79 5.59
CA CYS A 9 -1.93 -3.00 4.76
C CYS A 9 -0.49 -3.02 5.25
N SER A 10 0.40 -3.36 4.33
CA SER A 10 1.82 -3.41 4.63
C SER A 10 2.62 -2.85 3.45
N CYS A 11 3.80 -2.33 3.74
CA CYS A 11 4.65 -1.77 2.71
C CYS A 11 6.09 -2.23 2.92
N ARG A 12 6.91 -2.19 1.87
CA ARG A 12 8.31 -2.62 2.00
C ARG A 12 9.20 -1.81 1.09
N ARG A 13 10.39 -1.43 1.57
CA ARG A 13 11.33 -0.63 0.78
C ARG A 13 11.59 -1.25 -0.58
N VAL A 14 11.91 -0.36 -1.53
CA VAL A 14 12.18 -0.75 -2.92
C VAL A 14 12.28 0.48 -3.83
N CYS A 15 13.30 1.29 -3.64
CA CYS A 15 13.46 2.49 -4.46
C CYS A 15 12.43 3.54 -4.09
N ARG A 16 11.39 3.09 -3.39
CA ARG A 16 10.32 3.99 -2.97
C ARG A 16 9.24 3.23 -2.26
N ASN A 17 9.60 2.11 -1.74
CA ASN A 17 8.65 1.29 -1.04
C ASN A 17 7.63 0.69 -1.99
N THR A 18 7.14 -0.47 -1.63
CA THR A 18 6.12 -1.16 -2.42
C THR A 18 4.85 -1.23 -1.61
N CYS A 19 3.74 -1.46 -2.31
CA CYS A 19 2.44 -1.50 -1.69
C CYS A 19 1.88 -2.90 -1.73
N SER A 20 1.70 -3.48 -0.55
CA SER A 20 1.15 -4.82 -0.45
C SER A 20 0.12 -4.88 0.67
N CYS A 21 -1.14 -5.00 0.30
CA CYS A 21 -2.21 -5.12 1.27
C CYS A 21 -2.90 -6.46 1.05
N ILE A 22 -2.95 -7.24 2.11
CA ILE A 22 -3.54 -8.59 2.03
C ILE A 22 -4.08 -9.05 3.38
N ARG A 23 -5.08 -9.91 3.36
CA ARG A 23 -5.66 -10.42 4.59
C ARG A 23 -4.90 -11.63 5.09
N LEU A 24 -4.28 -12.32 4.16
CA LEU A 24 -3.49 -13.52 4.48
C LEU A 24 -2.28 -13.64 3.56
N SER A 25 -1.73 -14.85 3.49
CA SER A 25 -0.56 -15.11 2.66
C SER A 25 0.60 -14.24 3.09
N ARG A 26 0.50 -13.76 4.34
CA ARG A 26 1.55 -12.91 4.90
C ARG A 26 2.09 -11.95 3.84
N SER A 27 3.38 -12.06 3.54
CA SER A 27 4.00 -11.19 2.54
C SER A 27 3.64 -11.66 1.13
N THR A 28 2.88 -10.83 0.42
CA THR A 28 2.49 -11.16 -0.94
C THR A 28 3.71 -11.24 -1.86
N TYR A 29 4.59 -10.26 -1.72
CA TYR A 29 5.80 -10.22 -2.54
C TYR A 29 6.96 -10.94 -1.86
N ALA A 30 7.61 -11.84 -2.59
CA ALA A 30 8.72 -12.60 -2.04
C ALA A 30 9.75 -12.90 -3.14
N SER A 31 11.01 -13.01 -2.75
CA SER A 31 12.07 -13.30 -3.70
C SER A 31 11.73 -14.55 -4.51
N LEU B 1 -2.35 9.16 8.80
CA LEU B 1 -1.13 9.47 8.06
C LEU B 1 -0.95 8.47 6.91
N ARG B 2 0.06 8.70 6.09
CA ARG B 2 0.33 7.81 4.96
C ARG B 2 0.92 6.50 5.44
N VAL B 3 0.53 5.42 4.78
CA VAL B 3 1.02 4.09 5.13
C VAL B 3 0.72 3.74 6.60
N ARG B 4 -0.56 3.52 6.90
CA ARG B 4 -0.97 3.16 8.25
C ARG B 4 -0.85 1.67 8.48
N ARG B 5 -1.88 1.08 9.07
CA ARG B 5 -1.87 -0.35 9.39
C ARG B 5 -2.80 -1.16 8.47
N THR B 6 -4.06 -0.80 8.50
CA THR B 6 -5.06 -1.50 7.70
C THR B 6 -6.01 -0.52 7.02
N LEU B 7 -6.95 -0.02 7.81
CA LEU B 7 -7.97 0.94 7.34
C LEU B 7 -8.17 0.92 5.82
N GLN B 8 -7.64 1.93 5.11
CA GLN B 8 -7.78 2.00 3.67
C GLN B 8 -6.39 1.90 3.06
N CYS B 9 -6.31 1.17 1.97
CA CYS B 9 -5.04 0.95 1.30
C CYS B 9 -5.05 1.49 -0.11
N SER B 10 -4.06 2.32 -0.40
CA SER B 10 -3.92 2.90 -1.71
C SER B 10 -2.47 2.79 -2.20
N CYS B 11 -2.29 2.63 -3.49
CA CYS B 11 -0.96 2.52 -4.04
C CYS B 11 -0.85 3.33 -5.34
N ARG B 12 0.37 3.68 -5.74
CA ARG B 12 0.58 4.46 -6.97
C ARG B 12 1.92 4.13 -7.60
N ARG B 13 1.96 4.06 -8.93
CA ARG B 13 3.20 3.75 -9.65
C ARG B 13 4.34 4.65 -9.24
N VAL B 14 5.56 4.10 -9.35
CA VAL B 14 6.79 4.81 -8.98
C VAL B 14 8.01 3.86 -9.00
N CYS B 15 8.35 3.34 -10.17
CA CYS B 15 9.49 2.43 -10.26
C CYS B 15 9.14 1.08 -9.66
N ARG B 16 8.06 1.06 -8.89
CA ARG B 16 7.61 -0.17 -8.23
C ARG B 16 6.41 0.11 -7.36
N ASN B 17 5.61 1.04 -7.76
CA ASN B 17 4.45 1.37 -6.98
C ASN B 17 4.86 1.85 -5.59
N THR B 18 4.04 2.73 -5.05
CA THR B 18 4.27 3.27 -3.71
C THR B 18 3.13 2.82 -2.83
N CYS B 19 3.37 2.88 -1.52
CA CYS B 19 2.40 2.44 -0.54
C CYS B 19 1.86 3.61 0.25
N SER B 20 0.54 3.67 0.32
CA SER B 20 -0.13 4.72 1.06
C SER B 20 -1.45 4.22 1.59
N CYS B 21 -1.54 4.07 2.90
CA CYS B 21 -2.77 3.61 3.52
C CYS B 21 -3.26 4.71 4.45
N ILE B 22 -4.54 5.05 4.30
CA ILE B 22 -5.14 6.14 5.08
C ILE B 22 -6.59 5.86 5.42
N ARG B 23 -7.19 6.71 6.24
CA ARG B 23 -8.58 6.52 6.65
C ARG B 23 -9.50 7.25 5.68
N LEU B 24 -8.89 8.08 4.85
CA LEU B 24 -9.64 8.87 3.86
C LEU B 24 -9.06 8.68 2.46
N SER B 25 -9.94 8.57 1.46
CA SER B 25 -9.50 8.39 0.08
C SER B 25 -8.67 9.59 -0.38
N ARG B 26 -8.91 10.74 0.23
CA ARG B 26 -8.18 11.95 -0.13
C ARG B 26 -6.75 11.88 0.40
N SER B 27 -5.84 12.58 -0.26
CA SER B 27 -4.44 12.60 0.15
C SER B 27 -3.73 11.35 -0.34
N THR B 28 -2.92 11.50 -1.39
CA THR B 28 -2.19 10.37 -1.95
C THR B 28 -1.08 10.85 -2.87
N TYR B 29 -0.62 12.06 -2.64
CA TYR B 29 0.45 12.64 -3.45
C TYR B 29 0.06 12.64 -4.92
N ALA B 30 0.27 11.50 -5.58
CA ALA B 30 -0.05 11.37 -6.99
C ALA B 30 -0.98 10.19 -7.21
N SER B 31 -1.97 10.37 -8.09
CA SER B 31 -2.93 9.30 -8.37
C SER B 31 -2.20 8.07 -8.93
N LEU A 1 -0.21 -9.31 -11.65
CA LEU A 1 -1.05 -9.20 -10.46
C LEU A 1 -1.15 -7.75 -10.00
N ARG A 2 -1.80 -7.55 -8.86
CA ARG A 2 -1.96 -6.21 -8.32
C ARG A 2 -2.20 -6.26 -6.81
N VAL A 3 -2.12 -5.10 -6.16
CA VAL A 3 -2.35 -5.03 -4.73
C VAL A 3 -3.79 -4.61 -4.44
N ARG A 4 -4.54 -5.51 -3.81
CA ARG A 4 -5.93 -5.24 -3.47
C ARG A 4 -6.03 -4.21 -2.35
N ARG A 5 -7.23 -3.95 -1.90
CA ARG A 5 -7.45 -2.98 -0.85
C ARG A 5 -8.73 -3.29 -0.09
N THR A 6 -8.97 -2.56 1.00
CA THR A 6 -10.16 -2.73 1.84
C THR A 6 -9.91 -3.85 2.83
N LEU A 7 -8.65 -4.03 3.19
CA LEU A 7 -8.30 -5.08 4.12
C LEU A 7 -7.16 -4.67 5.06
N GLN A 8 -5.95 -5.14 4.75
CA GLN A 8 -4.78 -4.83 5.55
C GLN A 8 -3.75 -4.20 4.65
N CYS A 9 -3.10 -3.17 5.15
CA CYS A 9 -2.11 -2.45 4.38
C CYS A 9 -0.73 -2.47 4.99
N SER A 10 0.23 -2.85 4.17
CA SER A 10 1.62 -2.90 4.57
C SER A 10 2.48 -2.32 3.46
N CYS A 11 3.53 -1.60 3.84
CA CYS A 11 4.42 -1.01 2.85
C CYS A 11 5.87 -1.35 3.18
N ARG A 12 6.74 -1.31 2.18
CA ARG A 12 8.17 -1.61 2.41
C ARG A 12 9.04 -0.77 1.49
N ARG A 13 10.23 -0.40 1.98
CA ARG A 13 11.16 0.41 1.20
C ARG A 13 11.46 -0.20 -0.14
N VAL A 14 11.59 0.68 -1.12
CA VAL A 14 11.87 0.28 -2.49
C VAL A 14 12.03 1.52 -3.41
N CYS A 15 12.96 2.40 -3.07
CA CYS A 15 13.18 3.62 -3.86
C CYS A 15 12.08 4.62 -3.57
N ARG A 16 11.02 4.13 -2.95
CA ARG A 16 9.88 4.98 -2.61
C ARG A 16 8.78 4.17 -1.93
N ASN A 17 9.17 3.26 -1.08
CA ASN A 17 8.19 2.45 -0.42
C ASN A 17 7.37 1.67 -1.45
N THR A 18 6.93 0.48 -1.06
CA THR A 18 6.13 -0.38 -1.94
C THR A 18 4.78 -0.56 -1.32
N CYS A 19 3.81 -0.95 -2.14
CA CYS A 19 2.45 -1.13 -1.70
C CYS A 19 2.06 -2.59 -1.67
N SER A 20 1.84 -3.07 -0.46
CA SER A 20 1.44 -4.45 -0.27
C SER A 20 0.28 -4.48 0.71
N CYS A 21 -0.91 -4.79 0.20
CA CYS A 21 -2.08 -4.88 1.03
C CYS A 21 -2.65 -6.29 0.90
N ILE A 22 -2.87 -6.94 2.03
CA ILE A 22 -3.36 -8.33 2.02
C ILE A 22 -4.07 -8.67 3.33
N ARG A 23 -5.00 -9.62 3.27
CA ARG A 23 -5.73 -10.04 4.46
C ARG A 23 -5.02 -11.17 5.18
N LEU A 24 -3.92 -11.63 4.60
CA LEU A 24 -3.15 -12.72 5.19
C LEU A 24 -1.79 -12.23 5.66
N SER A 25 -1.43 -12.54 6.90
CA SER A 25 -0.15 -12.12 7.45
C SER A 25 1.00 -12.77 6.68
N ARG A 26 0.84 -14.05 6.36
CA ARG A 26 1.87 -14.79 5.63
C ARG A 26 1.89 -14.34 4.17
N SER A 27 3.08 -14.36 3.57
CA SER A 27 3.22 -13.97 2.17
C SER A 27 2.78 -12.52 1.97
N THR A 28 3.76 -11.63 1.93
CA THR A 28 3.49 -10.22 1.76
C THR A 28 3.90 -9.77 0.35
N TYR A 29 4.73 -10.57 -0.30
CA TYR A 29 5.17 -10.27 -1.66
C TYR A 29 5.52 -11.55 -2.41
N ALA A 30 6.59 -11.48 -3.15
CA ALA A 30 7.06 -12.61 -3.94
C ALA A 30 6.02 -12.97 -4.98
N SER A 31 5.42 -11.96 -5.61
CA SER A 31 4.41 -12.19 -6.62
C SER A 31 4.30 -10.97 -7.55
N LEU B 1 8.56 1.33 6.83
CA LEU B 1 7.42 1.22 7.73
C LEU B 1 6.11 1.36 6.95
N ARG B 2 5.07 0.71 7.44
CA ARG B 2 3.76 0.77 6.78
C ARG B 2 3.21 2.19 6.80
N VAL B 3 2.58 2.58 5.69
CA VAL B 3 2.01 3.91 5.59
C VAL B 3 0.90 4.10 6.63
N ARG B 4 0.09 3.08 6.81
CA ARG B 4 -1.01 3.13 7.78
C ARG B 4 -1.41 1.72 8.22
N ARG B 5 -2.60 1.60 8.81
CA ARG B 5 -3.07 0.30 9.31
C ARG B 5 -3.87 -0.46 8.25
N THR B 6 -5.17 -0.35 8.34
CA THR B 6 -6.07 -1.05 7.41
C THR B 6 -6.88 -0.09 6.57
N LEU B 7 -7.75 0.67 7.25
CA LEU B 7 -8.61 1.68 6.63
C LEU B 7 -8.78 1.51 5.12
N GLN B 8 -8.03 2.29 4.33
CA GLN B 8 -8.11 2.21 2.88
C GLN B 8 -6.71 2.12 2.33
N CYS B 9 -6.56 1.30 1.31
CA CYS B 9 -5.27 1.08 0.69
C CYS B 9 -5.22 1.51 -0.75
N SER B 10 -4.20 2.29 -1.05
CA SER B 10 -4.01 2.75 -2.41
C SER B 10 -2.52 2.71 -2.77
N CYS B 11 -2.22 2.46 -4.03
CA CYS B 11 -0.83 2.38 -4.49
C CYS B 11 -0.63 3.32 -5.69
N ARG B 12 0.59 3.87 -5.83
CA ARG B 12 0.89 4.77 -6.93
C ARG B 12 2.29 4.52 -7.47
N ARG B 13 2.51 4.84 -8.73
CA ARG B 13 3.82 4.66 -9.35
C ARG B 13 4.69 5.88 -9.14
N VAL B 14 6.00 5.65 -9.21
CA VAL B 14 6.94 6.74 -9.01
C VAL B 14 8.35 6.33 -9.38
N CYS B 15 8.56 5.04 -9.41
CA CYS B 15 9.87 4.48 -9.72
C CYS B 15 9.90 3.01 -9.41
N ARG B 16 8.93 2.57 -8.63
CA ARG B 16 8.88 1.18 -8.21
C ARG B 16 7.67 0.91 -7.36
N ASN B 17 6.61 1.60 -7.64
CA ASN B 17 5.39 1.46 -6.88
C ASN B 17 5.54 2.13 -5.52
N THR B 18 4.55 2.91 -5.19
CA THR B 18 4.51 3.63 -3.92
C THR B 18 3.33 3.14 -3.11
N CYS B 19 3.39 3.41 -1.81
CA CYS B 19 2.34 3.00 -0.91
C CYS B 19 1.59 4.19 -0.36
N SER B 20 0.28 4.05 -0.30
CA SER B 20 -0.57 5.10 0.22
C SER B 20 -1.84 4.49 0.78
N CYS B 21 -1.95 4.48 2.10
CA CYS B 21 -3.14 3.97 2.75
C CYS B 21 -3.67 5.08 3.66
N ILE B 22 -4.94 5.41 3.48
CA ILE B 22 -5.56 6.51 4.25
C ILE B 22 -7.09 6.34 4.36
N ARG B 23 -7.73 7.18 5.18
CA ARG B 23 -9.17 7.12 5.36
C ARG B 23 -9.83 8.11 4.43
N LEU B 24 -9.09 8.51 3.41
CA LEU B 24 -9.59 9.48 2.44
C LEU B 24 -9.89 10.82 3.09
N SER B 25 -10.68 11.63 2.41
CA SER B 25 -11.05 12.95 2.93
C SER B 25 -9.84 13.87 2.86
N ARG B 26 -8.78 13.40 2.20
CA ARG B 26 -7.56 14.18 2.06
C ARG B 26 -7.12 14.26 0.60
N SER B 27 -6.12 15.09 0.34
CA SER B 27 -5.60 15.25 -1.02
C SER B 27 -5.08 13.93 -1.55
N THR B 28 -4.40 13.20 -0.69
CA THR B 28 -3.84 11.91 -1.07
C THR B 28 -3.28 11.97 -2.50
N TYR B 29 -2.12 12.60 -2.63
CA TYR B 29 -1.48 12.73 -3.94
C TYR B 29 -1.40 11.37 -4.62
N ALA B 30 -1.51 10.30 -3.84
CA ALA B 30 -1.46 8.95 -4.40
C ALA B 30 -2.60 8.74 -5.38
N SER B 31 -3.77 9.27 -5.03
CA SER B 31 -4.95 9.12 -5.89
C SER B 31 -5.90 10.30 -5.69
N LEU A 1 -3.68 -8.24 -9.92
CA LEU A 1 -3.46 -8.83 -8.60
C LEU A 1 -4.18 -8.03 -7.53
N ARG A 2 -3.60 -7.97 -6.34
CA ARG A 2 -4.18 -7.24 -5.22
C ARG A 2 -3.18 -6.21 -4.69
N VAL A 3 -3.67 -4.99 -4.46
CA VAL A 3 -2.82 -3.92 -3.94
C VAL A 3 -3.67 -2.69 -3.64
N ARG A 4 -4.84 -2.90 -3.05
CA ARG A 4 -5.74 -1.80 -2.71
C ARG A 4 -6.81 -2.26 -1.74
N ARG A 5 -8.00 -1.70 -1.89
CA ARG A 5 -9.13 -2.03 -1.04
C ARG A 5 -8.85 -1.68 0.42
N THR A 6 -9.19 -2.60 1.32
CA THR A 6 -9.01 -2.38 2.75
C THR A 6 -8.31 -3.57 3.43
N LEU A 7 -9.07 -4.66 3.54
CA LEU A 7 -8.61 -5.92 4.16
C LEU A 7 -7.34 -5.77 5.00
N GLN A 8 -6.19 -6.09 4.41
CA GLN A 8 -4.91 -6.01 5.11
C GLN A 8 -3.96 -5.24 4.25
N CYS A 9 -3.27 -4.30 4.87
CA CYS A 9 -2.36 -3.45 4.15
C CYS A 9 -0.95 -3.51 4.72
N SER A 10 0.00 -3.77 3.82
CA SER A 10 1.40 -3.85 4.19
C SER A 10 2.26 -3.23 3.09
N CYS A 11 3.42 -2.73 3.47
CA CYS A 11 4.32 -2.11 2.51
C CYS A 11 5.75 -2.56 2.80
N ARG A 12 6.64 -2.43 1.82
CA ARG A 12 8.04 -2.84 2.02
C ARG A 12 8.97 -1.96 1.21
N ARG A 13 10.17 -1.68 1.76
CA ARG A 13 11.15 -0.83 1.06
C ARG A 13 11.51 -1.36 -0.32
N VAL A 14 11.79 -0.41 -1.21
CA VAL A 14 12.16 -0.71 -2.60
C VAL A 14 12.29 0.57 -3.44
N CYS A 15 13.33 1.34 -3.18
CA CYS A 15 13.54 2.60 -3.92
C CYS A 15 12.51 3.63 -3.51
N ARG A 16 11.50 3.19 -2.82
CA ARG A 16 10.42 4.09 -2.38
C ARG A 16 9.26 3.31 -1.81
N ASN A 17 9.57 2.15 -1.35
CA ASN A 17 8.54 1.33 -0.79
C ASN A 17 7.57 0.81 -1.84
N THR A 18 7.06 -0.37 -1.55
CA THR A 18 6.07 -1.04 -2.40
C THR A 18 4.79 -1.20 -1.63
N CYS A 19 3.71 -1.42 -2.38
CA CYS A 19 2.39 -1.56 -1.79
C CYS A 19 1.84 -2.95 -2.00
N SER A 20 1.32 -3.53 -0.93
CA SER A 20 0.73 -4.86 -1.01
C SER A 20 -0.38 -5.00 0.00
N CYS A 21 -1.62 -5.06 -0.50
CA CYS A 21 -2.76 -5.24 0.38
C CYS A 21 -3.45 -6.55 -0.01
N ILE A 22 -3.59 -7.43 0.97
CA ILE A 22 -4.18 -8.75 0.73
C ILE A 22 -4.79 -9.34 2.00
N ARG A 23 -5.60 -10.38 1.87
CA ARG A 23 -6.24 -10.99 3.02
C ARG A 23 -5.28 -11.96 3.71
N LEU A 24 -4.08 -12.04 3.19
CA LEU A 24 -3.08 -12.95 3.74
C LEU A 24 -2.13 -12.23 4.70
N SER A 25 -1.43 -12.99 5.53
CA SER A 25 -0.50 -12.41 6.48
C SER A 25 0.91 -12.36 5.91
N ARG A 26 1.07 -12.92 4.71
CA ARG A 26 2.38 -12.95 4.06
C ARG A 26 2.80 -11.56 3.59
N SER A 27 4.10 -11.33 3.58
CA SER A 27 4.64 -10.04 3.16
C SER A 27 4.39 -9.81 1.67
N THR A 28 4.16 -10.89 0.94
CA THR A 28 3.91 -10.80 -0.49
C THR A 28 5.09 -10.16 -1.22
N TYR A 29 6.27 -10.73 -1.01
CA TYR A 29 7.49 -10.21 -1.64
C TYR A 29 7.97 -11.14 -2.75
N ALA A 30 8.17 -10.57 -3.93
CA ALA A 30 8.63 -11.35 -5.07
C ALA A 30 10.03 -11.92 -4.81
N SER A 31 10.26 -13.14 -5.26
CA SER A 31 11.56 -13.78 -5.07
C SER A 31 12.49 -13.45 -6.24
N LEU B 1 4.33 8.82 3.29
CA LEU B 1 4.31 8.68 4.73
C LEU B 1 2.88 8.49 5.23
N ARG B 2 2.01 8.09 4.32
CA ARG B 2 0.60 7.87 4.66
C ARG B 2 0.32 6.38 4.81
N VAL B 3 1.36 5.62 5.10
CA VAL B 3 1.22 4.18 5.27
C VAL B 3 0.80 3.84 6.71
N ARG B 4 -0.48 3.49 6.86
CA ARG B 4 -1.02 3.13 8.17
C ARG B 4 -1.40 1.65 8.22
N ARG B 5 -2.49 1.35 8.89
CA ARG B 5 -2.93 -0.03 9.05
C ARG B 5 -3.79 -0.52 7.88
N THR B 6 -4.93 -1.12 8.21
CA THR B 6 -5.86 -1.70 7.22
C THR B 6 -6.79 -0.67 6.61
N LEU B 7 -7.63 -0.11 7.47
CA LEU B 7 -8.60 0.93 7.09
C LEU B 7 -8.85 1.02 5.59
N GLN B 8 -7.99 1.79 4.90
CA GLN B 8 -8.12 1.96 3.46
C GLN B 8 -6.75 1.86 2.86
N CYS B 9 -6.66 1.19 1.73
CA CYS B 9 -5.38 0.98 1.07
C CYS B 9 -5.34 1.60 -0.31
N SER B 10 -4.30 2.41 -0.52
CA SER B 10 -4.13 3.05 -1.80
C SER B 10 -2.66 2.92 -2.22
N CYS B 11 -2.43 2.75 -3.52
CA CYS B 11 -1.07 2.61 -4.03
C CYS B 11 -0.93 3.36 -5.36
N ARG B 12 0.29 3.74 -5.73
CA ARG B 12 0.51 4.45 -7.00
C ARG B 12 1.91 4.20 -7.54
N ARG B 13 2.06 4.30 -8.86
CA ARG B 13 3.36 4.08 -9.48
C ARG B 13 4.44 4.97 -8.89
N VAL B 14 5.64 4.41 -8.83
CA VAL B 14 6.80 5.12 -8.27
C VAL B 14 8.09 4.27 -8.40
N CYS B 15 8.45 3.88 -9.60
CA CYS B 15 9.64 3.05 -9.79
C CYS B 15 9.33 1.63 -9.35
N ARG B 16 8.19 1.48 -8.69
CA ARG B 16 7.77 0.16 -8.20
C ARG B 16 6.50 0.23 -7.40
N ASN B 17 5.75 1.26 -7.62
CA ASN B 17 4.52 1.42 -6.88
C ASN B 17 4.82 1.90 -5.46
N THR B 18 3.93 2.75 -4.95
CA THR B 18 4.06 3.30 -3.61
C THR B 18 2.92 2.81 -2.79
N CYS B 19 3.14 2.82 -1.48
CA CYS B 19 2.15 2.34 -0.54
C CYS B 19 1.63 3.46 0.34
N SER B 20 0.31 3.53 0.44
CA SER B 20 -0.33 4.53 1.26
C SER B 20 -1.69 4.04 1.72
N CYS B 21 -1.82 3.82 3.03
CA CYS B 21 -3.07 3.38 3.60
C CYS B 21 -3.54 4.46 4.56
N ILE B 22 -4.77 4.92 4.35
CA ILE B 22 -5.32 6.00 5.18
C ILE B 22 -6.84 5.96 5.20
N ARG B 23 -7.45 6.62 6.18
CA ARG B 23 -8.88 6.63 6.31
C ARG B 23 -9.47 7.77 5.51
N LEU B 24 -8.81 8.07 4.39
CA LEU B 24 -9.26 9.15 3.52
C LEU B 24 -9.23 10.48 4.26
N SER B 25 -10.02 11.43 3.77
CA SER B 25 -10.10 12.75 4.37
C SER B 25 -8.91 13.59 3.91
N ARG B 26 -8.18 13.08 2.93
CA ARG B 26 -7.02 13.79 2.41
C ARG B 26 -6.64 13.27 1.03
N SER B 27 -5.94 14.11 0.26
CA SER B 27 -5.51 13.73 -1.08
C SER B 27 -4.53 12.56 -1.04
N THR B 28 -3.63 12.60 -0.08
CA THR B 28 -2.63 11.53 0.07
C THR B 28 -1.80 11.41 -1.21
N TYR B 29 -1.49 12.55 -1.82
CA TYR B 29 -0.69 12.55 -3.05
C TYR B 29 -1.01 11.33 -3.91
N ALA B 30 -2.26 10.88 -3.83
CA ALA B 30 -2.69 9.71 -4.60
C ALA B 30 -2.51 9.95 -6.10
N SER B 31 -2.84 11.16 -6.54
CA SER B 31 -2.72 11.50 -7.95
C SER B 31 -1.25 11.74 -8.32
#